data_5BPH
#
_entry.id   5BPH
#
_cell.length_a   62.585
_cell.length_b   106.071
_cell.length_c   210.769
_cell.angle_alpha   90.00
_cell.angle_beta   90.00
_cell.angle_gamma   90.00
#
_symmetry.space_group_name_H-M   'P 21 21 21'
#
loop_
_entity.id
_entity.type
_entity.pdbx_description
1 polymer 'D-alanine--D-alanine ligase'
2 non-polymer 'ADENOSINE MONOPHOSPHATE'
3 non-polymer 'SODIUM ION'
4 non-polymer 'ACETATE ION'
5 non-polymer GLYCEROL
6 water water
#
_entity_poly.entity_id   1
_entity_poly.type   'polypeptide(L)'
_entity_poly.pdbx_seq_one_letter_code
;MAEKVAVLLGGTSAEREVSLLSGQAVLAGLKEAGIDAYGVDTKDFPVTQLKEQGFDKVFIALHGRGGEDGTLQGVLEFLQ
LPYTGSGVMASALTMDKLRTKLVWQALGLPISPYVALNRQQFETLSPEELVACVAKLGLPLIVKPSHEGSSVGMSKVDHA
SELQKALVEAFQHDSDVLIEKWLSGPEFTVAILGDEVLPSIRIQPPGVFYDYDAKYLSDKTQYFCPSGLSDESEQQLAAL
ALQAYHALDCSGWGRVDVMQDRDGHFYLLEVNTSPGMTSHSLVPMAARQYGLSFSQLVARILMLAD
;
_entity_poly.pdbx_strand_id   A,B,C,D
#
# COMPACT_ATOMS: atom_id res chain seq x y z
N MET A 1 -34.19 29.96 -0.66
CA MET A 1 -32.85 30.42 -1.10
C MET A 1 -32.01 29.23 -1.59
N ALA A 2 -30.93 29.53 -2.26
CA ALA A 2 -30.00 28.46 -2.68
C ALA A 2 -29.42 27.78 -1.45
N GLU A 3 -29.12 26.50 -1.61
CA GLU A 3 -28.56 25.70 -0.50
C GLU A 3 -27.15 26.13 -0.24
N LYS A 4 -26.81 26.23 1.04
CA LYS A 4 -25.49 26.49 1.47
C LYS A 4 -24.89 25.13 1.95
N VAL A 5 -23.79 24.79 1.33
CA VAL A 5 -23.21 23.44 1.55
C VAL A 5 -21.89 23.54 2.32
N ALA A 6 -21.74 22.71 3.37
CA ALA A 6 -20.53 22.69 4.09
C ALA A 6 -19.72 21.49 3.60
N VAL A 7 -18.48 21.73 3.26
CA VAL A 7 -17.52 20.67 2.89
C VAL A 7 -16.68 20.47 4.17
N LEU A 8 -16.93 19.35 4.87
CA LEU A 8 -16.18 18.98 6.08
C LEU A 8 -14.87 18.35 5.68
N LEU A 9 -13.81 18.92 6.22
CA LEU A 9 -12.45 18.59 5.81
C LEU A 9 -11.43 18.78 6.92
N GLY A 10 -10.30 18.10 6.75
CA GLY A 10 -9.23 18.06 7.74
C GLY A 10 -9.51 17.18 8.92
N GLY A 11 -10.16 17.72 9.92
CA GLY A 11 -10.44 17.04 11.18
C GLY A 11 -9.18 16.71 12.01
N THR A 12 -9.30 15.68 12.82
CA THR A 12 -8.26 15.31 13.78
C THR A 12 -7.79 13.86 13.70
N SER A 13 -8.21 13.09 12.68
CA SER A 13 -7.78 11.72 12.53
C SER A 13 -6.40 11.71 11.96
N ALA A 14 -5.84 10.49 11.90
CA ALA A 14 -4.59 10.32 11.27
C ALA A 14 -4.56 10.68 9.82
N GLU A 15 -5.73 10.64 9.17
CA GLU A 15 -5.84 10.89 7.79
C GLU A 15 -6.07 12.43 7.52
N ARG A 16 -5.80 13.29 8.54
CA ARG A 16 -6.02 14.73 8.32
C ARG A 16 -5.49 15.31 7.06
N GLU A 17 -4.20 15.10 6.73
CA GLU A 17 -3.62 15.74 5.59
C GLU A 17 -4.24 15.29 4.27
N VAL A 18 -4.59 14.01 4.17
CA VAL A 18 -5.29 13.53 3.01
C VAL A 18 -6.71 14.18 2.90
N SER A 19 -7.38 14.29 4.02
CA SER A 19 -8.71 14.92 4.07
C SER A 19 -8.66 16.39 3.65
N LEU A 20 -7.62 17.14 4.12
CA LEU A 20 -7.48 18.50 3.57
C LEU A 20 -7.45 18.53 2.07
N LEU A 21 -6.70 17.61 1.42
CA LEU A 21 -6.62 17.53 0.00
C LEU A 21 -7.92 17.05 -0.63
N SER A 22 -8.57 16.09 0.01
CA SER A 22 -9.92 15.70 -0.50
C SER A 22 -10.89 16.88 -0.53
N GLY A 23 -10.88 17.59 0.59
CA GLY A 23 -11.83 18.69 0.77
C GLY A 23 -11.51 19.83 -0.17
N GLN A 24 -10.27 20.13 -0.39
CA GLN A 24 -9.84 21.12 -1.36
C GLN A 24 -10.34 20.76 -2.76
N ALA A 25 -10.16 19.50 -3.17
CA ALA A 25 -10.58 19.08 -4.46
C ALA A 25 -12.14 19.13 -4.58
N VAL A 26 -12.84 18.68 -3.55
CA VAL A 26 -14.28 18.69 -3.55
C VAL A 26 -14.78 20.14 -3.69
N LEU A 27 -14.18 21.04 -2.90
CA LEU A 27 -14.59 22.44 -3.01
C LEU A 27 -14.45 23.01 -4.39
N ALA A 28 -13.33 22.74 -5.04
CA ALA A 28 -13.14 23.21 -6.39
C ALA A 28 -14.16 22.60 -7.35
N GLY A 29 -14.45 21.29 -7.22
CA GLY A 29 -15.45 20.68 -8.08
C GLY A 29 -16.86 21.19 -7.85
N LEU A 30 -17.21 21.46 -6.60
CA LEU A 30 -18.52 22.05 -6.24
C LEU A 30 -18.61 23.44 -6.80
N LYS A 31 -17.49 24.15 -6.72
CA LYS A 31 -17.45 25.52 -7.31
C LYS A 31 -17.64 25.53 -8.82
N GLU A 32 -17.03 24.59 -9.50
CA GLU A 32 -17.20 24.44 -10.92
C GLU A 32 -18.64 24.11 -11.34
N ALA A 33 -19.37 23.47 -10.45
CA ALA A 33 -20.74 23.10 -10.66
C ALA A 33 -21.73 24.21 -10.24
N GLY A 34 -21.22 25.28 -9.70
CA GLY A 34 -22.08 26.40 -9.24
C GLY A 34 -22.77 26.20 -7.92
N ILE A 35 -22.27 25.26 -7.11
CA ILE A 35 -22.86 24.98 -5.81
C ILE A 35 -22.24 25.91 -4.76
N ASP A 36 -23.08 26.48 -3.90
CA ASP A 36 -22.60 27.42 -2.88
C ASP A 36 -22.00 26.66 -1.66
N ALA A 37 -20.75 26.29 -1.86
CA ALA A 37 -20.02 25.42 -0.94
C ALA A 37 -18.97 26.23 -0.20
N TYR A 38 -18.75 25.83 1.05
CA TYR A 38 -17.82 26.43 1.96
C TYR A 38 -16.99 25.37 2.67
N GLY A 39 -15.70 25.57 2.69
CA GLY A 39 -14.75 24.64 3.40
C GLY A 39 -14.87 24.79 4.88
N VAL A 40 -15.03 23.68 5.60
CA VAL A 40 -15.14 23.76 7.07
C VAL A 40 -14.11 22.80 7.62
N ASP A 41 -13.07 23.33 8.21
CA ASP A 41 -12.01 22.48 8.83
C ASP A 41 -12.47 22.13 10.20
N THR A 42 -12.84 20.86 10.44
CA THR A 42 -13.49 20.51 11.67
C THR A 42 -12.56 20.40 12.87
N LYS A 43 -11.27 20.53 12.65
CA LYS A 43 -10.34 20.69 13.75
C LYS A 43 -10.65 21.98 14.47
N ASP A 44 -11.03 23.00 13.71
CA ASP A 44 -11.25 24.39 14.26
C ASP A 44 -12.70 24.77 14.47
N PHE A 45 -13.65 24.07 13.86
CA PHE A 45 -15.03 24.41 13.91
C PHE A 45 -15.84 23.20 14.37
N PRO A 46 -16.66 23.33 15.44
CA PRO A 46 -17.38 22.16 15.93
C PRO A 46 -18.59 21.81 15.02
N VAL A 47 -18.65 20.52 14.64
CA VAL A 47 -19.68 20.09 13.77
C VAL A 47 -21.09 20.27 14.31
N THR A 48 -21.19 20.30 15.65
CA THR A 48 -22.47 20.51 16.26
C THR A 48 -23.06 21.92 15.99
N GLN A 49 -22.23 22.82 15.51
CA GLN A 49 -22.72 24.21 15.20
C GLN A 49 -23.10 24.44 13.71
N LEU A 50 -23.11 23.39 12.88
CA LEU A 50 -23.34 23.61 11.45
C LEU A 50 -24.70 24.20 11.07
N LYS A 51 -25.76 23.75 11.73
CA LYS A 51 -27.15 24.23 11.51
C LYS A 51 -27.25 25.67 11.97
N GLU A 52 -26.70 25.98 13.15
CA GLU A 52 -26.61 27.36 13.64
C GLU A 52 -25.89 28.31 12.68
N GLN A 53 -24.85 27.85 11.95
CA GLN A 53 -24.08 28.64 11.08
C GLN A 53 -24.80 28.90 9.75
N GLY A 54 -25.92 28.25 9.49
CA GLY A 54 -26.70 28.55 8.29
C GLY A 54 -26.55 27.52 7.16
N PHE A 55 -25.85 26.39 7.38
CA PHE A 55 -25.75 25.34 6.36
C PHE A 55 -27.01 24.52 6.20
N ASP A 56 -27.31 24.08 4.99
CA ASP A 56 -28.46 23.34 4.65
C ASP A 56 -28.12 21.93 4.30
N LYS A 57 -26.87 21.71 3.89
CA LYS A 57 -26.47 20.34 3.49
C LYS A 57 -24.99 20.13 3.73
N VAL A 58 -24.58 18.86 3.93
CA VAL A 58 -23.19 18.57 4.27
C VAL A 58 -22.50 17.63 3.34
N PHE A 59 -21.38 18.04 2.78
CA PHE A 59 -20.49 17.12 1.99
C PHE A 59 -19.37 16.66 2.97
N ILE A 60 -19.35 15.37 3.26
CA ILE A 60 -18.35 14.79 4.16
C ILE A 60 -17.11 14.37 3.36
N ALA A 61 -16.01 15.11 3.58
CA ALA A 61 -14.70 14.83 2.95
C ALA A 61 -13.66 14.51 4.03
N LEU A 62 -14.16 14.08 5.19
CA LEU A 62 -13.38 13.55 6.30
C LEU A 62 -13.11 12.07 6.08
N HIS A 63 -11.95 11.62 6.60
CA HIS A 63 -11.61 10.21 6.51
C HIS A 63 -11.24 9.68 7.90
N GLY A 64 -11.52 8.43 8.20
CA GLY A 64 -11.05 7.89 9.48
C GLY A 64 -11.93 8.18 10.64
N ARG A 65 -11.31 8.18 11.80
CA ARG A 65 -12.02 8.36 13.04
C ARG A 65 -12.74 9.71 13.15
N GLY A 66 -13.99 9.67 13.59
CA GLY A 66 -14.82 10.82 13.66
C GLY A 66 -15.33 11.37 12.34
N GLY A 67 -15.05 10.67 11.23
CA GLY A 67 -15.54 11.08 9.96
C GLY A 67 -16.36 10.02 9.24
N GLU A 68 -15.88 8.76 9.30
CA GLU A 68 -16.51 7.69 8.54
C GLU A 68 -17.04 6.56 9.40
N ASP A 69 -17.18 6.81 10.71
CA ASP A 69 -17.46 5.77 11.71
C ASP A 69 -18.78 5.82 12.42
N GLY A 70 -19.69 6.74 12.01
CA GLY A 70 -21.04 6.87 12.56
C GLY A 70 -21.20 8.02 13.54
N THR A 71 -20.08 8.48 14.11
CA THR A 71 -20.12 9.59 15.12
C THR A 71 -20.62 10.86 14.46
N LEU A 72 -19.91 11.30 13.45
CA LEU A 72 -20.33 12.43 12.69
C LEU A 72 -21.75 12.30 12.09
N GLN A 73 -22.07 11.13 11.49
CA GLN A 73 -23.42 10.83 10.95
C GLN A 73 -24.48 11.03 12.04
N GLY A 74 -24.21 10.63 13.30
CA GLY A 74 -25.13 10.83 14.37
C GLY A 74 -25.37 12.31 14.68
N VAL A 75 -24.30 13.10 14.66
CA VAL A 75 -24.42 14.54 14.91
C VAL A 75 -25.31 15.17 13.81
N LEU A 76 -25.07 14.80 12.54
CA LEU A 76 -25.82 15.42 11.42
C LEU A 76 -27.29 14.97 11.43
N GLU A 77 -27.54 13.71 11.85
CA GLU A 77 -28.91 13.20 12.03
C GLU A 77 -29.59 14.04 13.12
N PHE A 78 -28.93 14.25 14.23
CA PHE A 78 -29.48 15.06 15.32
C PHE A 78 -29.82 16.49 14.83
N LEU A 79 -28.94 17.10 14.01
CA LEU A 79 -29.15 18.41 13.39
C LEU A 79 -30.18 18.47 12.28
N GLN A 80 -30.56 17.29 11.82
CA GLN A 80 -31.49 17.07 10.73
C GLN A 80 -30.98 17.70 9.47
N LEU A 81 -29.65 17.60 9.24
CA LEU A 81 -29.07 18.10 8.00
C LEU A 81 -28.74 16.96 7.06
N PRO A 82 -29.16 17.07 5.79
CA PRO A 82 -28.85 15.98 4.84
C PRO A 82 -27.36 15.96 4.61
N TYR A 83 -26.85 14.74 4.38
CA TYR A 83 -25.40 14.66 4.27
C TYR A 83 -25.06 13.51 3.35
N THR A 84 -23.88 13.59 2.83
CA THR A 84 -23.37 12.60 1.85
C THR A 84 -22.94 11.27 2.46
N GLY A 85 -23.00 10.22 1.65
CA GLY A 85 -22.53 8.92 2.11
C GLY A 85 -23.54 8.25 3.01
N SER A 86 -23.06 7.17 3.59
CA SER A 86 -23.86 6.26 4.35
C SER A 86 -24.31 6.83 5.74
N GLY A 87 -25.44 6.26 6.23
CA GLY A 87 -25.98 6.59 7.48
C GLY A 87 -25.19 6.05 8.71
N VAL A 88 -25.76 6.26 9.88
CA VAL A 88 -25.07 5.93 11.14
C VAL A 88 -24.67 4.46 11.21
N MET A 89 -25.66 3.59 11.01
CA MET A 89 -25.41 2.16 11.19
C MET A 89 -24.34 1.68 10.24
N ALA A 90 -24.57 1.91 8.93
CA ALA A 90 -23.61 1.44 7.98
C ALA A 90 -22.23 2.04 8.20
N SER A 91 -22.16 3.36 8.49
CA SER A 91 -20.87 3.98 8.74
C SER A 91 -20.05 3.33 9.89
N ALA A 92 -20.75 2.96 10.98
CA ALA A 92 -20.13 2.28 12.09
C ALA A 92 -19.85 0.79 11.86
N LEU A 93 -20.80 0.14 11.24
CA LEU A 93 -20.71 -1.27 10.97
C LEU A 93 -19.48 -1.54 10.09
N THR A 94 -19.24 -0.71 9.10
CA THR A 94 -18.12 -0.92 8.15
C THR A 94 -16.77 -0.79 8.80
N MET A 95 -16.70 -0.22 9.98
CA MET A 95 -15.46 -0.18 10.77
C MET A 95 -15.15 -1.40 11.55
N ASP A 96 -16.17 -2.26 11.68
CA ASP A 96 -16.09 -3.41 12.56
C ASP A 96 -15.92 -4.59 11.63
N LYS A 97 -14.68 -5.08 11.48
CA LYS A 97 -14.46 -6.03 10.41
C LYS A 97 -15.08 -7.40 10.79
N LEU A 98 -15.09 -7.70 12.06
CA LEU A 98 -15.79 -8.94 12.54
C LEU A 98 -17.21 -8.92 12.18
N ARG A 99 -17.93 -7.86 12.55
CA ARG A 99 -19.38 -7.91 12.32
C ARG A 99 -19.77 -7.75 10.83
N THR A 100 -18.91 -7.01 10.06
CA THR A 100 -18.99 -6.99 8.64
C THR A 100 -18.93 -8.45 8.05
N LYS A 101 -17.97 -9.18 8.54
CA LYS A 101 -17.73 -10.55 8.10
C LYS A 101 -18.90 -11.48 8.52
N LEU A 102 -19.46 -11.21 9.65
CA LEU A 102 -20.65 -12.05 10.12
C LEU A 102 -21.82 -11.82 9.23
N VAL A 103 -22.19 -10.54 8.94
CA VAL A 103 -23.25 -10.25 8.06
C VAL A 103 -23.04 -10.92 6.72
N TRP A 104 -21.86 -10.70 6.11
CA TRP A 104 -21.61 -11.23 4.83
C TRP A 104 -21.71 -12.79 4.82
N GLN A 105 -21.19 -13.42 5.84
CA GLN A 105 -21.16 -14.91 5.91
C GLN A 105 -22.57 -15.42 5.99
N ALA A 106 -23.41 -14.71 6.72
CA ALA A 106 -24.83 -15.22 6.88
C ALA A 106 -25.57 -15.16 5.58
N LEU A 107 -25.26 -14.18 4.73
CA LEU A 107 -25.78 -13.99 3.43
C LEU A 107 -25.20 -14.89 2.35
N GLY A 108 -24.19 -15.62 2.66
CA GLY A 108 -23.51 -16.50 1.74
C GLY A 108 -22.52 -15.83 0.85
N LEU A 109 -22.12 -14.61 1.23
CA LEU A 109 -21.15 -13.85 0.43
C LEU A 109 -19.75 -14.28 0.83
N PRO A 110 -18.79 -14.25 -0.16
CA PRO A 110 -17.50 -14.91 0.07
C PRO A 110 -16.53 -14.09 0.91
N ILE A 111 -15.93 -14.70 1.94
CA ILE A 111 -14.88 -14.09 2.73
C ILE A 111 -13.84 -15.13 3.01
N SER A 112 -12.62 -14.70 3.32
CA SER A 112 -11.53 -15.63 3.52
C SER A 112 -11.83 -16.44 4.81
N PRO A 113 -11.54 -17.73 4.84
CA PRO A 113 -11.66 -18.45 6.12
C PRO A 113 -10.95 -17.72 7.23
N TYR A 114 -11.57 -17.64 8.39
CA TYR A 114 -10.94 -16.95 9.50
C TYR A 114 -11.37 -17.47 10.87
N VAL A 115 -10.63 -16.99 11.86
CA VAL A 115 -10.90 -17.25 13.24
C VAL A 115 -10.89 -15.93 13.93
N ALA A 116 -11.93 -15.68 14.76
CA ALA A 116 -11.94 -14.53 15.63
C ALA A 116 -11.52 -14.85 17.06
N LEU A 117 -10.76 -13.99 17.68
CA LEU A 117 -10.26 -14.17 19.07
C LEU A 117 -10.49 -12.92 19.86
N ASN A 118 -11.03 -13.03 21.10
CA ASN A 118 -11.13 -11.86 21.95
C ASN A 118 -10.09 -11.91 23.08
N ARG A 119 -9.86 -10.80 23.72
CA ARG A 119 -8.81 -10.67 24.74
C ARG A 119 -8.93 -11.70 25.90
N GLN A 120 -10.15 -12.07 26.29
CA GLN A 120 -10.37 -13.05 27.36
C GLN A 120 -9.94 -14.45 26.91
N GLN A 121 -10.20 -14.82 25.67
CA GLN A 121 -9.57 -16.04 25.14
C GLN A 121 -8.04 -15.97 25.06
N PHE A 122 -7.52 -14.88 24.54
CA PHE A 122 -6.10 -14.73 24.44
C PHE A 122 -5.39 -14.89 25.83
N GLU A 123 -6.02 -14.36 26.87
CA GLU A 123 -5.47 -14.47 28.25
C GLU A 123 -5.65 -15.88 28.87
N THR A 124 -6.55 -16.65 28.29
CA THR A 124 -6.93 -17.95 28.80
C THR A 124 -6.20 -19.06 28.10
N LEU A 125 -5.68 -18.82 26.90
CA LEU A 125 -5.18 -19.90 26.07
C LEU A 125 -3.65 -19.83 25.98
N SER A 126 -3.03 -20.99 25.91
CA SER A 126 -1.57 -21.04 25.78
C SER A 126 -1.19 -20.78 24.32
N PRO A 127 0.06 -20.40 24.08
CA PRO A 127 0.52 -20.29 22.70
C PRO A 127 0.22 -21.50 21.84
N GLU A 128 0.48 -22.69 22.35
CA GLU A 128 0.23 -23.91 21.57
C GLU A 128 -1.25 -24.14 21.32
N GLU A 129 -2.11 -23.79 22.28
CA GLU A 129 -3.58 -23.90 22.04
C GLU A 129 -3.99 -22.87 20.94
N LEU A 130 -3.37 -21.71 20.96
CA LEU A 130 -3.70 -20.65 19.97
C LEU A 130 -3.28 -21.13 18.59
N VAL A 131 -2.09 -21.76 18.47
CA VAL A 131 -1.72 -22.38 17.19
C VAL A 131 -2.71 -23.43 16.72
N ALA A 132 -3.14 -24.31 17.61
CA ALA A 132 -4.17 -25.32 17.25
C ALA A 132 -5.49 -24.70 16.80
N CYS A 133 -5.91 -23.62 17.48
CA CYS A 133 -7.13 -22.85 17.13
C CYS A 133 -7.13 -22.43 15.65
N VAL A 134 -5.97 -22.09 15.13
CA VAL A 134 -5.93 -21.60 13.73
C VAL A 134 -5.35 -22.55 12.70
N ALA A 135 -5.04 -23.76 13.12
CA ALA A 135 -4.36 -24.71 12.25
C ALA A 135 -5.10 -25.04 10.99
N LYS A 136 -6.42 -25.02 11.07
CA LYS A 136 -7.30 -25.26 9.93
C LYS A 136 -7.15 -24.18 8.82
N LEU A 137 -6.60 -23.01 9.19
CA LEU A 137 -6.39 -21.91 8.20
C LEU A 137 -5.11 -22.05 7.39
N GLY A 138 -4.19 -22.92 7.81
CA GLY A 138 -2.97 -23.15 7.14
C GLY A 138 -2.01 -21.97 7.32
N LEU A 139 -0.99 -21.95 6.50
CA LEU A 139 0.03 -20.89 6.53
C LEU A 139 0.33 -20.41 5.12
N PRO A 140 0.61 -19.10 4.91
CA PRO A 140 0.64 -18.07 5.91
C PRO A 140 -0.74 -17.52 6.33
N LEU A 141 -0.69 -16.66 7.38
CA LEU A 141 -1.89 -16.06 7.92
C LEU A 141 -1.76 -14.58 7.96
N ILE A 142 -2.89 -13.90 7.96
CA ILE A 142 -2.90 -12.44 8.29
C ILE A 142 -3.57 -12.28 9.67
N VAL A 143 -2.94 -11.55 10.57
CA VAL A 143 -3.52 -11.25 11.85
C VAL A 143 -3.78 -9.72 11.85
N LYS A 144 -4.97 -9.31 12.29
CA LYS A 144 -5.32 -7.88 12.33
C LYS A 144 -6.26 -7.58 13.46
N PRO A 145 -6.20 -6.35 13.98
CA PRO A 145 -7.30 -5.88 14.86
C PRO A 145 -8.65 -5.93 14.13
N SER A 146 -9.74 -6.21 14.87
CA SER A 146 -11.05 -6.29 14.25
C SER A 146 -11.51 -4.91 13.79
N HIS A 147 -11.17 -3.87 14.54
CA HIS A 147 -11.69 -2.59 14.08
C HIS A 147 -10.74 -1.84 13.20
N GLU A 148 -11.31 -1.12 12.23
CA GLU A 148 -10.52 -0.29 11.34
C GLU A 148 -9.74 0.73 12.18
N GLY A 149 -8.42 0.88 11.93
CA GLY A 149 -7.58 1.79 12.72
C GLY A 149 -6.39 2.37 11.94
N SER A 150 -6.69 2.92 10.76
CA SER A 150 -5.66 3.47 9.83
C SER A 150 -4.59 2.44 9.44
N SER A 151 -4.97 1.15 9.29
CA SER A 151 -4.04 0.03 8.91
C SER A 151 -3.08 -0.54 9.96
N VAL A 152 -3.14 -0.10 11.23
CA VAL A 152 -2.13 -0.44 12.25
C VAL A 152 -2.34 -1.83 12.85
N GLY A 153 -1.30 -2.44 13.38
CA GLY A 153 -1.38 -3.67 14.09
C GLY A 153 -1.55 -5.00 13.32
N MET A 154 -1.29 -4.98 12.05
CA MET A 154 -1.43 -6.18 11.20
C MET A 154 -0.10 -6.87 10.96
N SER A 155 -0.13 -8.20 10.81
CA SER A 155 1.09 -8.97 10.63
C SER A 155 0.81 -10.07 9.67
N LYS A 156 1.80 -10.47 8.88
CA LYS A 156 1.71 -11.69 8.12
C LYS A 156 2.56 -12.72 8.87
N VAL A 157 1.97 -13.86 9.16
CA VAL A 157 2.56 -14.92 10.00
C VAL A 157 2.91 -16.05 9.02
N ASP A 158 4.21 -16.31 8.93
CA ASP A 158 4.70 -17.33 7.97
C ASP A 158 4.90 -18.71 8.66
N HIS A 159 5.20 -18.70 9.94
CA HIS A 159 5.43 -19.95 10.72
C HIS A 159 4.54 -19.89 11.94
N ALA A 160 4.10 -21.05 12.40
CA ALA A 160 3.31 -21.07 13.65
C ALA A 160 3.98 -20.37 14.85
N SER A 161 5.31 -20.43 14.96
CA SER A 161 6.04 -19.87 16.08
C SER A 161 5.88 -18.36 16.13
N GLU A 162 5.51 -17.75 15.02
CA GLU A 162 5.34 -16.29 14.94
C GLU A 162 3.93 -15.79 15.32
N LEU A 163 2.99 -16.72 15.49
CA LEU A 163 1.61 -16.31 15.78
C LEU A 163 1.51 -15.47 17.06
N GLN A 164 2.22 -15.90 18.11
CA GLN A 164 2.09 -15.29 19.40
C GLN A 164 2.41 -13.79 19.40
N LYS A 165 3.53 -13.43 18.83
CA LYS A 165 3.96 -12.03 18.72
C LYS A 165 2.96 -11.24 17.85
N ALA A 166 2.38 -11.88 16.80
CA ALA A 166 1.42 -11.15 15.91
C ALA A 166 0.10 -10.83 16.71
N LEU A 167 -0.31 -11.79 17.56
CA LEU A 167 -1.47 -11.62 18.41
C LEU A 167 -1.17 -10.56 19.43
N VAL A 168 -0.01 -10.63 20.09
CA VAL A 168 0.35 -9.57 21.05
C VAL A 168 0.25 -8.16 20.40
N GLU A 169 0.82 -7.98 19.21
CA GLU A 169 0.78 -6.71 18.53
C GLU A 169 -0.64 -6.28 18.27
N ALA A 170 -1.46 -7.17 17.71
CA ALA A 170 -2.83 -6.77 17.36
C ALA A 170 -3.62 -6.39 18.60
N PHE A 171 -3.46 -7.15 19.68
CA PHE A 171 -4.19 -6.88 20.92
C PHE A 171 -3.75 -5.60 21.61
N GLN A 172 -2.69 -4.96 21.17
CA GLN A 172 -2.41 -3.59 21.61
C GLN A 172 -3.41 -2.56 21.12
N HIS A 173 -4.13 -2.88 20.04
CA HIS A 173 -5.00 -1.93 19.36
C HIS A 173 -6.48 -2.21 19.46
N ASP A 174 -6.90 -3.39 19.87
CA ASP A 174 -8.28 -3.74 19.93
C ASP A 174 -8.41 -5.00 20.78
N SER A 175 -9.58 -5.25 21.32
CA SER A 175 -9.82 -6.41 22.16
C SER A 175 -10.43 -7.55 21.37
N ASP A 176 -10.70 -7.37 20.07
CA ASP A 176 -11.13 -8.42 19.16
C ASP A 176 -9.97 -8.43 18.07
N VAL A 177 -9.53 -9.62 17.65
CA VAL A 177 -8.50 -9.74 16.63
C VAL A 177 -9.01 -10.80 15.69
N LEU A 178 -8.62 -10.72 14.42
CA LEU A 178 -9.01 -11.64 13.39
C LEU A 178 -7.73 -12.32 12.86
N ILE A 179 -7.80 -13.62 12.64
CA ILE A 179 -6.74 -14.38 11.99
C ILE A 179 -7.33 -14.98 10.77
N GLU A 180 -6.78 -14.64 9.62
CA GLU A 180 -7.39 -14.95 8.33
C GLU A 180 -6.41 -15.79 7.52
N LYS A 181 -6.96 -16.73 6.76
CA LYS A 181 -6.13 -17.33 5.69
C LYS A 181 -5.66 -16.23 4.69
N TRP A 182 -4.40 -16.31 4.29
CA TRP A 182 -3.80 -15.36 3.40
C TRP A 182 -4.40 -15.55 2.02
N LEU A 183 -4.82 -14.47 1.42
CA LEU A 183 -5.25 -14.46 0.01
C LEU A 183 -4.12 -13.97 -0.95
N SER A 184 -3.94 -14.70 -2.05
CA SER A 184 -2.81 -14.39 -2.99
C SER A 184 -2.98 -13.03 -3.67
N GLY A 185 -4.19 -12.64 -3.86
CA GLY A 185 -4.42 -11.44 -4.69
C GLY A 185 -4.57 -11.90 -6.13
N PRO A 186 -4.78 -10.98 -7.06
CA PRO A 186 -4.72 -9.52 -6.93
C PRO A 186 -5.90 -8.91 -6.13
N GLU A 187 -5.69 -7.65 -5.80
CA GLU A 187 -6.65 -6.83 -5.03
C GLU A 187 -7.35 -5.89 -6.00
N PHE A 188 -8.60 -5.59 -5.67
CA PHE A 188 -9.44 -4.68 -6.45
C PHE A 188 -10.28 -3.82 -5.54
N THR A 189 -10.67 -2.67 -6.06
CA THR A 189 -11.75 -1.90 -5.45
C THR A 189 -12.83 -1.56 -6.52
N VAL A 190 -14.11 -1.50 -6.05
CA VAL A 190 -15.23 -1.23 -6.86
C VAL A 190 -15.99 -0.04 -6.21
N ALA A 191 -15.94 1.11 -6.87
CA ALA A 191 -16.66 2.28 -6.42
C ALA A 191 -18.14 2.12 -6.76
N ILE A 192 -18.98 2.67 -5.90
CA ILE A 192 -20.45 2.66 -6.07
C ILE A 192 -20.99 4.06 -5.88
N LEU A 193 -21.80 4.53 -6.82
CA LEU A 193 -22.36 5.85 -6.76
C LEU A 193 -23.87 5.65 -6.92
N GLY A 194 -24.59 5.90 -5.84
CA GLY A 194 -26.02 5.61 -5.78
C GLY A 194 -26.34 4.21 -6.29
N ASP A 195 -27.06 4.08 -7.40
CA ASP A 195 -27.43 2.71 -7.84
C ASP A 195 -26.29 2.04 -8.65
N GLU A 196 -25.26 2.80 -8.96
CA GLU A 196 -24.48 2.50 -10.15
C GLU A 196 -23.16 1.95 -9.68
N VAL A 197 -22.71 0.88 -10.31
CA VAL A 197 -21.43 0.32 -10.04
C VAL A 197 -20.45 0.84 -11.07
N LEU A 198 -19.34 1.45 -10.61
CA LEU A 198 -18.37 1.99 -11.48
C LEU A 198 -17.28 0.93 -11.86
N PRO A 199 -16.43 1.25 -12.87
CA PRO A 199 -15.39 0.28 -13.38
C PRO A 199 -14.45 -0.09 -12.21
N SER A 200 -14.17 -1.36 -12.07
CA SER A 200 -13.21 -1.74 -11.07
C SER A 200 -11.81 -1.27 -11.33
N ILE A 201 -11.01 -1.20 -10.24
CA ILE A 201 -9.62 -0.84 -10.29
C ILE A 201 -8.81 -1.94 -9.65
N ARG A 202 -7.79 -2.38 -10.34
CA ARG A 202 -6.78 -3.29 -9.74
C ARG A 202 -5.70 -2.54 -9.05
N ILE A 203 -5.44 -3.00 -7.83
CA ILE A 203 -4.51 -2.34 -6.88
C ILE A 203 -3.34 -3.22 -6.61
N GLN A 204 -2.11 -2.73 -6.86
CA GLN A 204 -0.86 -3.44 -6.59
C GLN A 204 -0.07 -2.67 -5.58
N PRO A 205 -0.20 -3.00 -4.30
CA PRO A 205 0.56 -2.34 -3.26
C PRO A 205 2.02 -2.68 -3.39
N PRO A 206 2.86 -1.79 -2.88
CA PRO A 206 4.27 -2.09 -2.97
C PRO A 206 4.76 -3.18 -2.04
N GLY A 207 4.09 -3.36 -0.91
CA GLY A 207 4.44 -4.29 0.17
C GLY A 207 3.31 -5.32 0.33
N VAL A 208 3.29 -5.90 1.49
CA VAL A 208 2.36 -7.05 1.73
C VAL A 208 0.91 -6.58 1.89
N PHE A 209 0.73 -5.37 2.44
CA PHE A 209 -0.60 -4.80 2.77
C PHE A 209 -0.89 -3.51 2.01
N TYR A 210 -2.13 -3.35 1.58
CA TYR A 210 -2.61 -2.00 1.10
C TYR A 210 -2.92 -1.18 2.32
N ASP A 211 -1.89 -0.55 2.82
CA ASP A 211 -1.93 0.11 4.11
C ASP A 211 -1.84 1.65 3.89
N TYR A 212 -1.66 2.38 5.00
CA TYR A 212 -1.73 3.87 4.95
C TYR A 212 -0.62 4.46 4.01
N ASP A 213 0.60 3.89 4.10
CA ASP A 213 1.72 4.32 3.20
C ASP A 213 1.32 4.06 1.72
N ALA A 214 0.81 2.83 1.46
CA ALA A 214 0.41 2.49 0.12
C ALA A 214 -0.75 3.40 -0.48
N LYS A 215 -1.72 3.70 0.34
CA LYS A 215 -2.89 4.40 -0.07
C LYS A 215 -2.59 5.91 -0.25
N TYR A 216 -1.77 6.44 0.63
CA TYR A 216 -1.71 7.89 0.74
C TYR A 216 -0.35 8.53 0.46
N LEU A 217 0.70 7.78 0.62
CA LEU A 217 2.06 8.35 0.57
C LEU A 217 2.95 7.89 -0.55
N SER A 218 3.03 6.60 -0.84
CA SER A 218 3.98 6.11 -1.78
C SER A 218 3.51 6.32 -3.21
N ASP A 219 4.45 6.61 -4.11
CA ASP A 219 4.20 6.61 -5.55
C ASP A 219 4.42 5.24 -6.19
N LYS A 220 4.88 4.26 -5.39
CA LYS A 220 5.16 2.92 -5.89
C LYS A 220 3.88 2.06 -6.09
N THR A 221 2.88 2.33 -5.29
CA THR A 221 1.57 1.70 -5.54
C THR A 221 1.14 1.88 -7.00
N GLN A 222 0.67 0.82 -7.63
CA GLN A 222 0.14 0.95 -8.94
C GLN A 222 -1.33 0.66 -8.98
N TYR A 223 -2.01 1.35 -9.85
CA TYR A 223 -3.45 1.15 -10.11
C TYR A 223 -3.75 0.97 -11.60
N PHE A 224 -4.70 0.11 -11.89
CA PHE A 224 -5.10 -0.23 -13.22
C PHE A 224 -6.60 -0.13 -13.40
N CYS A 225 -7.03 0.78 -14.29
CA CYS A 225 -8.44 0.94 -14.63
C CYS A 225 -8.49 1.25 -16.13
N PRO A 226 -8.99 0.32 -16.96
CA PRO A 226 -9.61 -0.94 -16.54
C PRO A 226 -8.68 -1.90 -15.83
N SER A 227 -9.31 -2.80 -15.07
CA SER A 227 -8.61 -3.70 -14.15
C SER A 227 -7.86 -4.82 -14.83
N GLY A 228 -8.28 -5.21 -16.01
CA GLY A 228 -7.65 -6.40 -16.65
C GLY A 228 -8.51 -7.63 -16.60
N LEU A 229 -9.54 -7.59 -15.76
CA LEU A 229 -10.51 -8.65 -15.70
C LEU A 229 -11.25 -8.76 -17.04
N SER A 230 -11.67 -9.98 -17.32
CA SER A 230 -12.53 -10.27 -18.47
C SER A 230 -13.87 -9.65 -18.26
N ASP A 231 -14.64 -9.44 -19.32
CA ASP A 231 -15.97 -8.89 -19.15
C ASP A 231 -16.80 -9.75 -18.21
N GLU A 232 -16.67 -11.08 -18.32
CA GLU A 232 -17.53 -11.90 -17.54
C GLU A 232 -17.15 -11.74 -16.03
N SER A 233 -15.85 -11.70 -15.76
CA SER A 233 -15.38 -11.54 -14.37
C SER A 233 -15.80 -10.13 -13.82
N GLU A 234 -15.69 -9.10 -14.64
CA GLU A 234 -16.11 -7.73 -14.26
C GLU A 234 -17.57 -7.72 -13.91
N GLN A 235 -18.41 -8.42 -14.70
CA GLN A 235 -19.80 -8.50 -14.34
C GLN A 235 -20.07 -9.18 -13.03
N GLN A 236 -19.37 -10.27 -12.75
CA GLN A 236 -19.54 -11.01 -11.54
C GLN A 236 -19.08 -10.14 -10.32
N LEU A 237 -17.95 -9.48 -10.55
CA LEU A 237 -17.37 -8.61 -9.48
C LEU A 237 -18.37 -7.49 -9.16
N ALA A 238 -18.96 -6.86 -10.19
CA ALA A 238 -19.89 -5.75 -9.99
C ALA A 238 -21.13 -6.17 -9.17
N ALA A 239 -21.71 -7.32 -9.52
CA ALA A 239 -22.86 -7.81 -8.81
C ALA A 239 -22.50 -8.16 -7.35
N LEU A 240 -21.29 -8.73 -7.14
CA LEU A 240 -20.82 -9.12 -5.82
C LEU A 240 -20.63 -7.85 -4.96
N ALA A 241 -20.06 -6.87 -5.61
CA ALA A 241 -19.75 -5.60 -4.87
C ALA A 241 -21.05 -4.90 -4.44
N LEU A 242 -22.00 -4.81 -5.34
CA LEU A 242 -23.28 -4.25 -4.99
C LEU A 242 -23.98 -5.03 -3.90
N GLN A 243 -23.96 -6.37 -3.94
CA GLN A 243 -24.55 -7.15 -2.88
C GLN A 243 -23.88 -6.86 -1.50
N ALA A 244 -22.54 -6.75 -1.52
CA ALA A 244 -21.78 -6.52 -0.29
C ALA A 244 -22.14 -5.13 0.33
N TYR A 245 -22.26 -4.14 -0.50
CA TYR A 245 -22.54 -2.76 -0.13
C TYR A 245 -23.93 -2.67 0.42
N HIS A 246 -24.89 -3.32 -0.25
CA HIS A 246 -26.27 -3.33 0.31
C HIS A 246 -26.38 -4.13 1.60
N ALA A 247 -25.63 -5.26 1.74
CA ALA A 247 -25.63 -6.10 2.91
C ALA A 247 -25.41 -5.30 4.14
N LEU A 248 -24.57 -4.24 4.05
CA LEU A 248 -24.14 -3.41 5.18
C LEU A 248 -24.97 -2.16 5.36
N ASP A 249 -26.00 -2.03 4.51
CA ASP A 249 -26.95 -0.94 4.51
C ASP A 249 -26.26 0.37 4.03
N CYS A 250 -25.26 0.29 3.16
CA CYS A 250 -24.58 1.50 2.71
C CYS A 250 -25.43 2.30 1.75
N SER A 251 -25.20 3.59 1.62
CA SER A 251 -25.92 4.42 0.64
C SER A 251 -25.15 5.62 0.25
N GLY A 252 -25.65 6.33 -0.80
CA GLY A 252 -24.99 7.52 -1.32
C GLY A 252 -23.84 7.13 -2.21
N TRP A 253 -22.74 6.70 -1.61
CA TRP A 253 -21.56 6.27 -2.40
C TRP A 253 -20.61 5.56 -1.48
N GLY A 254 -19.62 4.91 -2.07
CA GLY A 254 -18.56 4.27 -1.27
C GLY A 254 -17.73 3.43 -2.19
N ARG A 255 -16.88 2.64 -1.59
CA ARG A 255 -16.10 1.67 -2.37
C ARG A 255 -15.93 0.34 -1.63
N VAL A 256 -16.03 -0.72 -2.43
CA VAL A 256 -15.93 -2.12 -1.92
C VAL A 256 -14.59 -2.71 -2.29
N ASP A 257 -13.90 -3.32 -1.32
CA ASP A 257 -12.51 -3.78 -1.48
C ASP A 257 -12.62 -5.30 -1.54
N VAL A 258 -11.93 -5.88 -2.56
CA VAL A 258 -12.09 -7.33 -2.86
C VAL A 258 -10.74 -7.87 -3.21
N MET A 259 -10.49 -9.12 -2.91
CA MET A 259 -9.25 -9.74 -3.35
C MET A 259 -9.56 -11.10 -3.98
N GLN A 260 -8.76 -11.52 -4.96
CA GLN A 260 -8.82 -12.90 -5.44
C GLN A 260 -7.89 -13.80 -4.66
N ASP A 261 -8.18 -15.12 -4.72
CA ASP A 261 -7.30 -16.15 -4.24
C ASP A 261 -6.62 -16.81 -5.46
N ARG A 262 -5.81 -17.83 -5.23
CA ARG A 262 -4.93 -18.37 -6.30
C ARG A 262 -5.71 -18.90 -7.49
N ASP A 263 -6.88 -19.45 -7.23
CA ASP A 263 -7.79 -19.91 -8.29
C ASP A 263 -8.75 -18.88 -8.90
N GLY A 264 -8.67 -17.60 -8.55
CA GLY A 264 -9.51 -16.59 -9.24
C GLY A 264 -10.87 -16.27 -8.60
N HIS A 265 -11.19 -16.92 -7.46
CA HIS A 265 -12.45 -16.65 -6.74
C HIS A 265 -12.25 -15.30 -6.03
N PHE A 266 -13.34 -14.52 -5.98
CA PHE A 266 -13.34 -13.17 -5.28
C PHE A 266 -13.74 -13.36 -3.81
N TYR A 267 -13.04 -12.62 -2.91
CA TYR A 267 -13.34 -12.56 -1.55
C TYR A 267 -13.50 -11.10 -1.12
N LEU A 268 -14.47 -10.86 -0.31
CA LEU A 268 -14.72 -9.48 0.17
C LEU A 268 -13.87 -9.12 1.38
N LEU A 269 -13.30 -7.91 1.40
CA LEU A 269 -12.49 -7.46 2.46
C LEU A 269 -13.26 -6.50 3.39
N GLU A 270 -13.76 -5.43 2.83
CA GLU A 270 -14.43 -4.38 3.55
C GLU A 270 -15.08 -3.36 2.63
N VAL A 271 -15.88 -2.47 3.23
CA VAL A 271 -16.42 -1.28 2.52
C VAL A 271 -15.96 0.00 3.20
N ASN A 272 -15.51 0.94 2.36
CA ASN A 272 -15.09 2.24 2.81
C ASN A 272 -16.24 3.22 2.58
N THR A 273 -16.78 3.80 3.64
CA THR A 273 -17.93 4.70 3.54
C THR A 273 -17.57 6.18 3.48
N SER A 274 -16.30 6.55 3.51
CA SER A 274 -15.88 7.96 3.11
C SER A 274 -14.58 8.05 2.28
N PRO A 275 -14.63 7.65 1.02
CA PRO A 275 -13.41 7.40 0.28
C PRO A 275 -12.63 8.72 -0.05
N GLY A 276 -11.34 8.55 -0.29
CA GLY A 276 -10.53 9.67 -0.76
C GLY A 276 -11.10 10.33 -2.00
N MET A 277 -10.97 11.67 -2.00
CA MET A 277 -11.48 12.51 -3.06
C MET A 277 -10.52 13.55 -3.60
N THR A 278 -9.25 13.24 -3.54
CA THR A 278 -8.24 13.97 -4.28
C THR A 278 -8.42 13.63 -5.76
N SER A 279 -7.83 14.45 -6.63
CA SER A 279 -8.06 14.29 -8.05
C SER A 279 -7.65 12.95 -8.59
N HIS A 280 -6.66 12.28 -7.95
CA HIS A 280 -6.23 10.95 -8.46
C HIS A 280 -6.55 9.81 -7.47
N SER A 281 -7.50 10.06 -6.57
CA SER A 281 -7.87 8.97 -5.58
C SER A 281 -8.72 7.99 -6.39
N LEU A 282 -9.00 6.86 -5.75
CA LEU A 282 -9.67 5.77 -6.44
C LEU A 282 -11.04 6.09 -7.04
N VAL A 283 -11.95 6.63 -6.24
CA VAL A 283 -13.26 6.86 -6.71
C VAL A 283 -13.27 7.84 -7.92
N PRO A 284 -12.46 8.94 -7.84
CA PRO A 284 -12.40 9.87 -9.00
C PRO A 284 -11.81 9.13 -10.25
N MET A 285 -10.88 8.21 -10.04
CA MET A 285 -10.34 7.44 -11.14
C MET A 285 -11.41 6.55 -11.77
N ALA A 286 -12.15 5.81 -10.96
CA ALA A 286 -13.19 4.97 -11.45
C ALA A 286 -14.28 5.77 -12.18
N ALA A 287 -14.63 6.92 -11.59
CA ALA A 287 -15.65 7.79 -12.18
C ALA A 287 -15.22 8.35 -13.56
N ARG A 288 -13.97 8.72 -13.72
CA ARG A 288 -13.43 9.26 -15.00
C ARG A 288 -13.55 8.12 -16.06
N GLN A 289 -13.17 6.91 -15.69
CA GLN A 289 -13.32 5.76 -16.65
C GLN A 289 -14.80 5.50 -17.00
N TYR A 290 -15.74 5.70 -16.07
CA TYR A 290 -17.11 5.58 -16.28
C TYR A 290 -17.68 6.68 -17.20
N GLY A 291 -17.01 7.82 -17.27
CA GLY A 291 -17.44 8.94 -18.11
C GLY A 291 -17.81 10.20 -17.38
N LEU A 292 -17.54 10.30 -16.07
CA LEU A 292 -17.91 11.50 -15.27
C LEU A 292 -16.69 12.34 -15.03
N SER A 293 -16.83 13.66 -15.11
CA SER A 293 -15.79 14.51 -14.69
C SER A 293 -15.83 14.55 -13.17
N PHE A 294 -14.77 15.11 -12.60
CA PHE A 294 -14.65 15.23 -11.15
C PHE A 294 -15.82 16.12 -10.63
N SER A 295 -16.07 17.21 -11.34
CA SER A 295 -17.19 18.04 -10.99
C SER A 295 -18.50 17.37 -11.01
N GLN A 296 -18.79 16.60 -12.08
CA GLN A 296 -20.00 15.87 -12.12
C GLN A 296 -20.14 14.83 -11.00
N LEU A 297 -18.99 14.28 -10.63
CA LEU A 297 -18.93 13.26 -9.55
C LEU A 297 -19.35 13.85 -8.22
N VAL A 298 -18.81 15.00 -7.87
CA VAL A 298 -19.13 15.55 -6.62
C VAL A 298 -20.56 16.14 -6.61
N ALA A 299 -21.02 16.62 -7.76
CA ALA A 299 -22.42 17.06 -7.85
C ALA A 299 -23.38 15.93 -7.65
N ARG A 300 -23.05 14.79 -8.25
CA ARG A 300 -23.89 13.61 -8.11
C ARG A 300 -23.94 13.11 -6.65
N ILE A 301 -22.75 13.04 -6.02
CA ILE A 301 -22.67 12.60 -4.60
C ILE A 301 -23.58 13.47 -3.72
N LEU A 302 -23.52 14.76 -4.02
CA LEU A 302 -24.27 15.73 -3.25
C LEU A 302 -25.77 15.62 -3.54
N MET A 303 -26.16 15.38 -4.79
CA MET A 303 -27.58 15.19 -5.15
C MET A 303 -28.19 13.97 -4.46
N LEU A 304 -27.35 12.95 -4.15
CA LEU A 304 -27.76 11.78 -3.45
C LEU A 304 -27.95 12.00 -1.93
N ALA A 305 -27.57 13.16 -1.40
CA ALA A 305 -27.80 13.48 0.00
C ALA A 305 -29.18 14.13 0.09
N ASP A 306 -30.16 13.50 0.68
CA ASP A 306 -31.45 14.20 0.85
C ASP A 306 -32.07 13.85 2.19
N ALA B 2 38.73 38.57 -37.62
CA ALA B 2 37.95 37.44 -36.95
C ALA B 2 38.29 37.29 -35.46
N GLU B 3 37.25 37.23 -34.63
CA GLU B 3 37.40 36.88 -33.19
C GLU B 3 38.16 35.57 -32.98
N LYS B 4 38.96 35.48 -31.93
CA LYS B 4 39.66 34.26 -31.65
C LYS B 4 38.94 33.58 -30.45
N VAL B 5 38.47 32.36 -30.66
CA VAL B 5 37.62 31.66 -29.66
C VAL B 5 38.33 30.46 -29.00
N ALA B 6 38.38 30.49 -27.69
CA ALA B 6 38.92 29.40 -26.89
C ALA B 6 37.85 28.37 -26.52
N VAL B 7 38.08 27.09 -26.82
CA VAL B 7 37.16 26.02 -26.39
C VAL B 7 37.81 25.39 -25.14
N LEU B 8 37.29 25.70 -23.95
CA LEU B 8 37.87 25.16 -22.72
C LEU B 8 37.46 23.72 -22.54
N LEU B 9 38.47 22.88 -22.39
CA LEU B 9 38.20 21.47 -22.31
C LEU B 9 39.17 20.69 -21.40
N GLY B 10 38.79 19.46 -21.08
CA GLY B 10 39.58 18.55 -20.24
C GLY B 10 39.50 18.93 -18.75
N GLY B 11 40.42 19.75 -18.32
CA GLY B 11 40.45 20.23 -16.97
C GLY B 11 40.89 19.13 -16.05
N THR B 12 40.55 19.29 -14.77
CA THR B 12 41.06 18.41 -13.71
C THR B 12 39.91 17.79 -12.91
N SER B 13 38.64 17.94 -13.32
CA SER B 13 37.54 17.31 -12.64
C SER B 13 37.44 15.81 -12.91
N ALA B 14 36.61 15.10 -12.17
CA ALA B 14 36.39 13.65 -12.38
C ALA B 14 35.86 13.47 -13.82
N GLU B 15 35.22 14.51 -14.39
CA GLU B 15 34.66 14.44 -15.73
C GLU B 15 35.62 14.78 -16.83
N ARG B 16 36.92 14.84 -16.56
CA ARG B 16 37.92 15.13 -17.57
C ARG B 16 37.73 14.38 -18.88
N GLU B 17 37.62 13.05 -18.77
CA GLU B 17 37.56 12.27 -20.03
C GLU B 17 36.34 12.63 -20.90
N VAL B 18 35.20 12.85 -20.28
CA VAL B 18 34.04 13.30 -21.01
C VAL B 18 34.27 14.68 -21.64
N SER B 19 34.82 15.61 -20.86
CA SER B 19 35.06 16.97 -21.33
C SER B 19 36.08 17.04 -22.45
N LEU B 20 37.10 16.13 -22.47
CA LEU B 20 37.92 16.05 -23.64
C LEU B 20 37.13 15.72 -24.91
N LEU B 21 36.18 14.78 -24.82
CA LEU B 21 35.36 14.45 -25.94
C LEU B 21 34.37 15.61 -26.36
N SER B 22 33.79 16.20 -25.32
CA SER B 22 32.90 17.38 -25.54
C SER B 22 33.67 18.45 -26.29
N GLY B 23 34.85 18.80 -25.83
CA GLY B 23 35.62 19.89 -26.39
C GLY B 23 36.11 19.62 -27.81
N GLN B 24 36.54 18.37 -28.00
CA GLN B 24 36.90 17.90 -29.38
C GLN B 24 35.79 18.08 -30.40
N ALA B 25 34.59 17.71 -29.99
CA ALA B 25 33.39 17.83 -30.82
C ALA B 25 33.03 19.31 -31.05
N VAL B 26 33.04 20.12 -29.94
CA VAL B 26 32.70 21.54 -30.07
C VAL B 26 33.72 22.30 -30.98
N LEU B 27 35.01 22.00 -30.83
CA LEU B 27 36.02 22.65 -31.62
C LEU B 27 35.81 22.40 -33.12
N ALA B 28 35.54 21.14 -33.43
CA ALA B 28 35.26 20.75 -34.83
C ALA B 28 33.98 21.42 -35.37
N GLY B 29 32.93 21.50 -34.55
CA GLY B 29 31.68 22.13 -34.94
C GLY B 29 31.84 23.60 -35.23
N LEU B 30 32.57 24.28 -34.33
CA LEU B 30 32.81 25.68 -34.50
C LEU B 30 33.64 26.00 -35.76
N LYS B 31 34.65 25.21 -36.01
CA LYS B 31 35.47 25.45 -37.24
C LYS B 31 34.65 25.17 -38.49
N GLU B 32 33.77 24.17 -38.44
CA GLU B 32 32.90 23.94 -39.57
C GLU B 32 31.95 25.13 -39.85
N ALA B 33 31.55 25.86 -38.81
CA ALA B 33 30.68 27.04 -38.96
C ALA B 33 31.44 28.31 -39.41
N GLY B 34 32.73 28.20 -39.46
CA GLY B 34 33.62 29.27 -39.90
C GLY B 34 34.19 30.09 -38.80
N ILE B 35 34.07 29.60 -37.58
CA ILE B 35 34.62 30.29 -36.41
C ILE B 35 36.09 29.97 -36.18
N ASP B 36 36.90 30.99 -35.81
CA ASP B 36 38.35 30.78 -35.51
C ASP B 36 38.59 30.30 -34.07
N ALA B 37 38.43 28.99 -33.90
CA ALA B 37 38.40 28.36 -32.59
C ALA B 37 39.63 27.53 -32.35
N TYR B 38 40.03 27.48 -31.08
CA TYR B 38 41.21 26.71 -30.62
C TYR B 38 40.88 25.92 -29.36
N GLY B 39 41.30 24.67 -29.33
CA GLY B 39 41.15 23.83 -28.16
C GLY B 39 42.14 24.22 -27.08
N VAL B 40 41.65 24.38 -25.85
CA VAL B 40 42.48 24.77 -24.74
C VAL B 40 42.24 23.85 -23.58
N ASP B 41 43.21 22.96 -23.31
CA ASP B 41 43.08 21.98 -22.23
C ASP B 41 43.53 22.71 -20.99
N THR B 42 42.57 22.94 -20.07
CA THR B 42 42.81 23.80 -18.95
C THR B 42 43.63 23.12 -17.84
N LYS B 43 43.82 21.80 -17.93
CA LYS B 43 44.87 21.16 -17.10
C LYS B 43 46.28 21.71 -17.39
N ASP B 44 46.53 22.10 -18.63
CA ASP B 44 47.86 22.54 -19.09
C ASP B 44 47.98 24.04 -19.25
N PHE B 45 46.87 24.74 -19.48
CA PHE B 45 46.89 26.17 -19.70
C PHE B 45 46.02 26.83 -18.59
N PRO B 46 46.55 27.81 -17.83
CA PRO B 46 45.70 28.46 -16.81
C PRO B 46 44.64 29.39 -17.41
N VAL B 47 43.37 29.19 -17.01
CA VAL B 47 42.28 30.03 -17.55
C VAL B 47 42.53 31.48 -17.28
N THR B 48 43.26 31.79 -16.21
CA THR B 48 43.52 33.24 -15.91
C THR B 48 44.36 34.01 -16.96
N GLN B 49 45.05 33.31 -17.85
CA GLN B 49 45.88 33.90 -18.93
C GLN B 49 45.19 33.88 -20.31
N LEU B 50 43.91 33.48 -20.35
CA LEU B 50 43.21 33.50 -21.63
C LEU B 50 43.21 34.84 -22.39
N LYS B 51 43.01 35.95 -21.68
CA LYS B 51 42.91 37.26 -22.35
C LYS B 51 44.31 37.66 -22.79
N GLU B 52 45.31 37.35 -21.96
CA GLU B 52 46.74 37.60 -22.30
C GLU B 52 47.15 36.88 -23.57
N GLN B 53 46.57 35.71 -23.79
CA GLN B 53 46.92 34.87 -24.92
C GLN B 53 46.20 35.31 -26.19
N GLY B 54 45.34 36.34 -26.14
CA GLY B 54 44.69 36.85 -27.35
C GLY B 54 43.25 36.37 -27.63
N PHE B 55 42.68 35.60 -26.72
CA PHE B 55 41.33 35.11 -26.98
C PHE B 55 40.33 36.21 -26.70
N ASP B 56 39.27 36.21 -27.51
CA ASP B 56 38.23 37.21 -27.45
C ASP B 56 36.96 36.67 -26.77
N LYS B 57 36.78 35.37 -26.79
CA LYS B 57 35.46 34.77 -26.39
C LYS B 57 35.77 33.35 -26.01
N VAL B 58 34.92 32.73 -25.20
CA VAL B 58 35.22 31.42 -24.68
C VAL B 58 33.97 30.53 -24.77
N PHE B 59 34.17 29.34 -25.31
CA PHE B 59 33.21 28.28 -25.25
C PHE B 59 33.63 27.33 -24.12
N ILE B 60 32.76 27.23 -23.12
CA ILE B 60 33.03 26.36 -21.99
C ILE B 60 32.48 24.93 -22.35
N ALA B 61 33.43 23.98 -22.47
CA ALA B 61 33.11 22.57 -22.65
C ALA B 61 33.67 21.73 -21.49
N LEU B 62 33.86 22.36 -20.35
CA LEU B 62 34.25 21.70 -19.08
C LEU B 62 33.01 21.22 -18.35
N HIS B 63 33.15 20.15 -17.57
CA HIS B 63 32.04 19.64 -16.79
C HIS B 63 32.51 19.44 -15.33
N GLY B 64 31.61 19.58 -14.39
CA GLY B 64 31.89 19.28 -13.04
C GLY B 64 32.57 20.40 -12.32
N ARG B 65 33.28 20.03 -11.29
CA ARG B 65 33.95 21.02 -10.44
C ARG B 65 34.86 21.91 -11.25
N GLY B 66 34.75 23.22 -11.08
CA GLY B 66 35.58 24.12 -11.82
C GLY B 66 35.17 24.42 -13.27
N GLY B 67 34.08 23.82 -13.70
CA GLY B 67 33.55 24.00 -15.03
C GLY B 67 32.15 24.59 -14.99
N GLU B 68 31.24 23.94 -14.23
CA GLU B 68 29.82 24.23 -14.28
C GLU B 68 29.25 24.87 -13.00
N ASP B 69 30.13 25.29 -12.09
CA ASP B 69 29.81 25.60 -10.70
C ASP B 69 29.93 27.02 -10.27
N GLY B 70 30.24 27.88 -11.24
CA GLY B 70 30.37 29.34 -10.88
C GLY B 70 31.82 29.84 -10.74
N THR B 71 32.78 28.96 -10.48
CA THR B 71 34.19 29.35 -10.24
C THR B 71 34.85 29.82 -11.52
N LEU B 72 34.77 29.05 -12.59
CA LEU B 72 35.28 29.45 -13.92
C LEU B 72 34.59 30.68 -14.44
N GLN B 73 33.27 30.79 -14.15
CA GLN B 73 32.46 31.85 -14.66
C GLN B 73 32.94 33.13 -13.96
N GLY B 74 33.33 33.01 -12.69
CA GLY B 74 33.91 34.17 -11.94
C GLY B 74 35.23 34.63 -12.51
N VAL B 75 36.06 33.69 -12.87
CA VAL B 75 37.35 34.06 -13.54
C VAL B 75 37.09 34.83 -14.85
N LEU B 76 36.14 34.34 -15.69
CA LEU B 76 35.85 34.89 -16.98
C LEU B 76 35.21 36.24 -16.83
N GLU B 77 34.36 36.40 -15.81
CA GLU B 77 33.79 37.71 -15.47
C GLU B 77 34.91 38.71 -15.15
N PHE B 78 35.82 38.27 -14.30
CA PHE B 78 36.96 39.15 -13.93
C PHE B 78 37.75 39.56 -15.20
N LEU B 79 38.07 38.61 -16.03
CA LEU B 79 38.73 38.88 -17.32
C LEU B 79 37.91 39.72 -18.33
N GLN B 80 36.57 39.84 -18.11
CA GLN B 80 35.68 40.52 -19.01
C GLN B 80 35.68 39.88 -20.36
N LEU B 81 35.75 38.56 -20.35
CA LEU B 81 35.60 37.82 -21.58
C LEU B 81 34.21 37.21 -21.68
N PRO B 82 33.53 37.36 -22.85
CA PRO B 82 32.26 36.75 -23.04
C PRO B 82 32.44 35.26 -23.06
N TYR B 83 31.41 34.56 -22.56
CA TYR B 83 31.50 33.11 -22.45
C TYR B 83 30.14 32.50 -22.56
N THR B 84 30.13 31.20 -22.86
CA THR B 84 28.90 30.46 -23.12
C THR B 84 28.27 29.99 -21.78
N GLY B 85 26.99 29.80 -21.84
CA GLY B 85 26.22 29.29 -20.76
C GLY B 85 25.94 30.25 -19.68
N SER B 86 25.52 29.73 -18.52
CA SER B 86 24.98 30.57 -17.44
C SER B 86 26.05 31.33 -16.70
N GLY B 87 25.61 32.43 -16.10
CA GLY B 87 26.51 33.19 -15.28
C GLY B 87 26.89 32.62 -13.90
N VAL B 88 27.53 33.39 -13.07
CA VAL B 88 28.07 32.94 -11.82
C VAL B 88 26.95 32.43 -10.87
N MET B 89 25.94 33.26 -10.63
CA MET B 89 24.88 32.86 -9.68
C MET B 89 24.20 31.58 -10.12
N ALA B 90 23.72 31.56 -11.35
CA ALA B 90 22.90 30.42 -11.81
C ALA B 90 23.83 29.14 -11.84
N SER B 91 25.07 29.32 -12.30
CA SER B 91 26.00 28.22 -12.32
C SER B 91 26.22 27.60 -10.97
N ALA B 92 26.40 28.39 -9.91
CA ALA B 92 26.56 27.89 -8.55
C ALA B 92 25.23 27.41 -7.95
N LEU B 93 24.16 28.15 -8.11
CA LEU B 93 22.86 27.77 -7.52
C LEU B 93 22.46 26.38 -8.04
N THR B 94 22.66 26.09 -9.28
CA THR B 94 22.20 24.84 -9.89
C THR B 94 22.96 23.61 -9.26
N MET B 95 24.05 23.86 -8.60
CA MET B 95 24.75 22.81 -7.81
C MET B 95 24.17 22.51 -6.47
N ASP B 96 23.32 23.39 -5.95
CA ASP B 96 22.81 23.33 -4.60
C ASP B 96 21.37 22.86 -4.69
N LYS B 97 21.17 21.52 -4.51
CA LYS B 97 19.89 21.03 -4.71
C LYS B 97 18.83 21.56 -3.78
N LEU B 98 19.20 21.79 -2.54
CA LEU B 98 18.27 22.36 -1.54
C LEU B 98 17.79 23.73 -2.06
N ARG B 99 18.74 24.62 -2.38
CA ARG B 99 18.27 25.98 -2.73
C ARG B 99 17.59 26.07 -4.04
N THR B 100 17.96 25.19 -5.01
CA THR B 100 17.24 25.08 -6.23
C THR B 100 15.78 24.70 -5.94
N LYS B 101 15.57 23.69 -5.06
CA LYS B 101 14.24 23.32 -4.69
C LYS B 101 13.44 24.46 -4.01
N LEU B 102 14.10 25.17 -3.12
CA LEU B 102 13.44 26.27 -2.44
C LEU B 102 12.98 27.35 -3.41
N VAL B 103 13.86 27.78 -4.30
CA VAL B 103 13.43 28.74 -5.38
C VAL B 103 12.25 28.29 -6.14
N TRP B 104 12.32 27.06 -6.65
CA TRP B 104 11.22 26.51 -7.33
C TRP B 104 9.89 26.44 -6.51
N GLN B 105 9.95 25.95 -5.30
CA GLN B 105 8.79 25.75 -4.44
C GLN B 105 8.14 27.13 -4.15
N ALA B 106 8.96 28.16 -4.05
CA ALA B 106 8.36 29.51 -3.78
C ALA B 106 7.66 30.01 -4.95
N LEU B 107 8.06 29.64 -6.16
CA LEU B 107 7.41 30.04 -7.42
C LEU B 107 6.16 29.19 -7.79
N GLY B 108 5.91 28.18 -6.96
CA GLY B 108 4.85 27.19 -7.14
C GLY B 108 5.12 26.19 -8.23
N LEU B 109 6.43 25.95 -8.49
CA LEU B 109 6.79 25.02 -9.54
C LEU B 109 6.87 23.64 -8.84
N PRO B 110 6.70 22.58 -9.62
CA PRO B 110 6.52 21.24 -8.91
C PRO B 110 7.82 20.59 -8.59
N ILE B 111 7.95 20.16 -7.34
CA ILE B 111 9.06 19.35 -6.86
C ILE B 111 8.56 18.15 -5.97
N SER B 112 9.36 17.11 -5.90
CA SER B 112 8.97 15.92 -5.11
C SER B 112 8.90 16.31 -3.68
N PRO B 113 7.90 15.82 -2.91
CA PRO B 113 7.89 16.08 -1.50
C PRO B 113 9.15 15.66 -0.83
N TYR B 114 9.69 16.48 0.06
CA TYR B 114 11.01 16.19 0.65
C TYR B 114 11.15 16.80 2.04
N VAL B 115 12.14 16.32 2.79
CA VAL B 115 12.58 16.88 4.03
C VAL B 115 14.03 17.22 3.89
N ALA B 116 14.44 18.40 4.39
CA ALA B 116 15.86 18.71 4.44
C ALA B 116 16.34 18.59 5.88
N LEU B 117 17.50 18.00 6.04
CA LEU B 117 18.20 17.85 7.30
C LEU B 117 19.58 18.43 7.24
N ASN B 118 19.99 19.03 8.35
CA ASN B 118 21.32 19.60 8.46
C ASN B 118 22.14 18.79 9.50
N ARG B 119 23.44 19.02 9.53
CA ARG B 119 24.31 18.19 10.38
C ARG B 119 23.96 18.30 11.86
N GLN B 120 23.45 19.45 12.27
CA GLN B 120 23.14 19.68 13.68
C GLN B 120 21.96 18.79 14.05
N GLN B 121 21.00 18.65 13.11
CA GLN B 121 19.85 17.83 13.35
C GLN B 121 20.24 16.40 13.41
N PHE B 122 21.05 15.97 12.47
CA PHE B 122 21.54 14.58 12.44
C PHE B 122 22.24 14.14 13.72
N GLU B 123 22.99 15.07 14.30
CA GLU B 123 23.83 14.79 15.48
C GLU B 123 22.98 14.77 16.74
N THR B 124 21.89 15.51 16.73
CA THR B 124 21.02 15.65 17.91
C THR B 124 19.82 14.69 17.97
N LEU B 125 19.35 14.19 16.82
CA LEU B 125 18.16 13.32 16.75
C LEU B 125 18.52 11.87 16.72
N SER B 126 17.66 11.05 17.34
CA SER B 126 17.86 9.59 17.39
C SER B 126 17.43 8.94 16.09
N PRO B 127 17.91 7.70 15.76
CA PRO B 127 17.37 6.99 14.58
C PRO B 127 15.84 6.97 14.50
N GLU B 128 15.16 6.69 15.62
CA GLU B 128 13.69 6.68 15.66
C GLU B 128 13.11 8.07 15.39
N GLU B 129 13.72 9.11 15.93
CA GLU B 129 13.23 10.49 15.67
C GLU B 129 13.33 10.86 14.15
N LEU B 130 14.42 10.43 13.54
CA LEU B 130 14.77 10.77 12.12
C LEU B 130 13.79 10.01 11.21
N VAL B 131 13.50 8.74 11.55
CA VAL B 131 12.40 8.03 10.84
C VAL B 131 11.08 8.76 10.93
N ALA B 132 10.78 9.30 12.09
CA ALA B 132 9.59 10.02 12.29
C ALA B 132 9.51 11.30 11.49
N CYS B 133 10.63 11.97 11.33
CA CYS B 133 10.72 13.23 10.61
C CYS B 133 10.31 13.03 9.16
N VAL B 134 10.64 11.87 8.62
CA VAL B 134 10.37 11.58 7.21
C VAL B 134 9.19 10.65 6.93
N ALA B 135 8.45 10.27 7.97
CA ALA B 135 7.34 9.29 7.79
C ALA B 135 6.27 9.82 6.83
N LYS B 136 6.06 11.16 6.83
CA LYS B 136 5.10 11.72 5.91
C LYS B 136 5.35 11.53 4.42
N LEU B 137 6.58 11.19 4.06
CA LEU B 137 7.04 11.00 2.68
C LEU B 137 6.77 9.54 2.21
N GLY B 138 6.44 8.60 3.11
CA GLY B 138 6.28 7.23 2.58
C GLY B 138 7.54 6.56 2.24
N LEU B 139 7.39 5.38 1.63
CA LEU B 139 8.54 4.64 1.11
C LEU B 139 8.23 4.23 -0.32
N PRO B 140 9.23 4.11 -1.20
CA PRO B 140 10.62 4.33 -0.95
C PRO B 140 11.06 5.83 -0.93
N LEU B 141 12.31 6.02 -0.53
CA LEU B 141 12.92 7.40 -0.36
C LEU B 141 14.20 7.43 -1.14
N ILE B 142 14.56 8.63 -1.61
CA ILE B 142 15.87 8.87 -2.14
C ILE B 142 16.50 9.80 -1.17
N VAL B 143 17.69 9.42 -0.72
CA VAL B 143 18.50 10.24 0.18
C VAL B 143 19.73 10.72 -0.60
N LYS B 144 20.04 12.04 -0.50
CA LYS B 144 21.14 12.54 -1.28
C LYS B 144 21.80 13.70 -0.55
N PRO B 145 23.08 13.84 -0.77
CA PRO B 145 23.68 15.13 -0.36
C PRO B 145 23.07 16.27 -1.22
N SER B 146 22.99 17.38 -0.56
CA SER B 146 22.48 18.61 -1.32
C SER B 146 23.36 19.07 -2.48
N HIS B 147 24.68 19.02 -2.29
CA HIS B 147 25.60 19.20 -3.44
C HIS B 147 26.23 17.84 -3.93
N GLU B 148 26.08 17.44 -5.15
CA GLU B 148 26.69 16.15 -5.68
C GLU B 148 26.32 16.07 -7.14
N GLY B 149 27.32 15.97 -8.00
CA GLY B 149 27.10 16.05 -9.42
C GLY B 149 26.74 14.73 -10.09
N SER B 150 26.90 13.61 -9.34
CA SER B 150 26.64 12.25 -9.92
C SER B 150 25.75 11.57 -8.88
N SER B 151 26.04 10.35 -8.44
CA SER B 151 25.21 9.76 -7.38
C SER B 151 26.00 9.37 -6.15
N VAL B 152 27.18 9.96 -6.00
CA VAL B 152 27.99 9.76 -4.75
C VAL B 152 27.24 10.24 -3.53
N GLY B 153 27.13 9.30 -2.58
CA GLY B 153 26.45 9.56 -1.39
C GLY B 153 24.93 9.37 -1.42
N MET B 154 24.37 8.99 -2.58
CA MET B 154 22.96 8.83 -2.73
C MET B 154 22.54 7.38 -2.40
N SER B 155 21.35 7.21 -1.85
CA SER B 155 20.78 5.86 -1.53
C SER B 155 19.30 5.79 -1.85
N LYS B 156 18.78 4.64 -2.26
CA LYS B 156 17.38 4.44 -2.24
C LYS B 156 17.05 3.66 -1.01
N VAL B 157 16.10 4.13 -0.24
CA VAL B 157 15.76 3.58 1.06
C VAL B 157 14.35 2.91 0.90
N ASP B 158 14.28 1.56 1.00
CA ASP B 158 12.99 0.84 0.80
C ASP B 158 12.25 0.49 2.11
N HIS B 159 12.95 0.57 3.21
CA HIS B 159 12.47 0.27 4.53
C HIS B 159 13.03 1.27 5.53
N ALA B 160 12.27 1.65 6.52
CA ALA B 160 12.67 2.65 7.50
C ALA B 160 13.93 2.36 8.22
N SER B 161 14.21 1.07 8.45
CA SER B 161 15.47 0.66 9.11
C SER B 161 16.74 0.97 8.32
N GLU B 162 16.62 1.29 7.04
CA GLU B 162 17.75 1.56 6.19
C GLU B 162 18.02 3.07 6.13
N LEU B 163 17.12 3.87 6.70
CA LEU B 163 17.34 5.35 6.67
C LEU B 163 18.64 5.78 7.37
N GLN B 164 18.94 5.21 8.54
CA GLN B 164 20.17 5.63 9.19
C GLN B 164 21.45 5.43 8.39
N LYS B 165 21.66 4.27 7.80
CA LYS B 165 22.87 4.07 7.00
C LYS B 165 22.93 5.08 5.84
N ALA B 166 21.79 5.34 5.20
CA ALA B 166 21.75 6.29 4.06
C ALA B 166 22.12 7.68 4.58
N LEU B 167 21.64 8.08 5.74
CA LEU B 167 21.94 9.40 6.28
C LEU B 167 23.46 9.51 6.60
N VAL B 168 23.99 8.42 7.17
CA VAL B 168 25.39 8.37 7.47
C VAL B 168 26.19 8.56 6.21
N GLU B 169 25.86 7.86 5.13
CA GLU B 169 26.63 7.93 3.93
C GLU B 169 26.47 9.33 3.30
N ALA B 170 25.27 9.91 3.35
CA ALA B 170 25.09 11.27 2.73
C ALA B 170 25.84 12.32 3.48
N PHE B 171 25.80 12.28 4.81
CA PHE B 171 26.51 13.27 5.60
C PHE B 171 28.04 13.18 5.54
N GLN B 172 28.59 12.14 4.98
CA GLN B 172 30.01 12.10 4.61
C GLN B 172 30.35 13.06 3.46
N HIS B 173 29.35 13.47 2.66
CA HIS B 173 29.61 14.35 1.53
C HIS B 173 29.15 15.82 1.69
N ASP B 174 28.23 16.08 2.60
CA ASP B 174 27.66 17.41 2.73
C ASP B 174 27.05 17.55 4.09
N SER B 175 26.94 18.79 4.54
CA SER B 175 26.22 19.13 5.73
C SER B 175 24.71 19.39 5.60
N ASP B 176 24.18 19.36 4.39
CA ASP B 176 22.77 19.42 4.14
C ASP B 176 22.46 18.17 3.32
N VAL B 177 21.42 17.49 3.77
CA VAL B 177 21.01 16.22 3.16
C VAL B 177 19.53 16.30 2.90
N LEU B 178 19.12 15.78 1.75
CA LEU B 178 17.73 15.81 1.29
C LEU B 178 17.22 14.33 1.34
N ILE B 179 16.03 14.19 1.85
CA ILE B 179 15.27 12.93 1.77
C ILE B 179 14.02 13.25 0.96
N GLU B 180 13.87 12.52 -0.17
CA GLU B 180 12.81 12.76 -1.12
C GLU B 180 11.88 11.57 -1.31
N LYS B 181 10.64 11.84 -1.54
CA LYS B 181 9.73 10.80 -2.04
C LYS B 181 10.26 10.30 -3.34
N TRP B 182 10.36 8.96 -3.49
CA TRP B 182 10.73 8.39 -4.76
C TRP B 182 9.61 8.48 -5.78
N LEU B 183 9.96 8.85 -7.00
CA LEU B 183 9.02 8.93 -8.08
C LEU B 183 9.20 7.83 -9.04
N SER B 184 8.04 7.30 -9.44
CA SER B 184 8.01 6.08 -10.26
C SER B 184 8.11 6.24 -11.75
N GLY B 185 7.91 7.46 -12.30
CA GLY B 185 7.21 7.61 -13.72
C GLY B 185 8.45 7.80 -14.46
N PRO B 186 8.35 8.05 -15.80
CA PRO B 186 9.63 8.13 -16.45
C PRO B 186 10.33 9.49 -16.25
N GLU B 187 11.57 9.51 -16.66
CA GLU B 187 12.47 10.66 -16.55
C GLU B 187 12.63 11.26 -17.94
N PHE B 188 12.77 12.58 -18.00
CA PHE B 188 12.92 13.32 -19.27
C PHE B 188 13.98 14.40 -19.09
N THR B 189 14.68 14.70 -20.18
CA THR B 189 15.57 15.88 -20.21
C THR B 189 15.11 16.81 -21.32
N VAL B 190 15.18 18.14 -21.04
CA VAL B 190 14.73 19.11 -21.97
C VAL B 190 15.88 20.11 -22.14
N ALA B 191 16.47 20.11 -23.33
CA ALA B 191 17.55 21.07 -23.66
C ALA B 191 16.90 22.41 -24.01
N ILE B 192 17.58 23.45 -23.55
CA ILE B 192 17.16 24.82 -23.83
C ILE B 192 18.37 25.52 -24.49
N LEU B 193 18.05 26.33 -25.54
CA LEU B 193 19.08 27.05 -26.30
C LEU B 193 18.56 28.48 -26.49
N GLY B 194 19.13 29.42 -25.77
CA GLY B 194 18.53 30.77 -25.80
C GLY B 194 17.06 30.69 -25.35
N ASP B 195 16.14 31.18 -26.17
CA ASP B 195 14.73 31.21 -25.79
C ASP B 195 14.02 29.94 -26.33
N GLU B 196 14.76 29.02 -26.99
CA GLU B 196 14.13 27.97 -27.75
C GLU B 196 14.22 26.71 -26.83
N VAL B 197 13.17 25.93 -26.76
CA VAL B 197 13.19 24.61 -26.08
C VAL B 197 13.27 23.54 -27.15
N LEU B 198 14.18 22.61 -27.00
CA LEU B 198 14.41 21.59 -27.97
C LEU B 198 13.56 20.36 -27.53
N PRO B 199 13.35 19.44 -28.47
CA PRO B 199 12.52 18.22 -28.19
C PRO B 199 13.04 17.47 -26.97
N SER B 200 12.10 17.04 -26.13
CA SER B 200 12.45 16.26 -24.96
C SER B 200 12.99 14.87 -25.33
N ILE B 201 13.74 14.33 -24.40
CA ILE B 201 14.31 12.97 -24.50
C ILE B 201 13.83 12.22 -23.25
N ARG B 202 13.18 11.05 -23.47
CA ARG B 202 12.89 10.10 -22.36
C ARG B 202 14.13 9.25 -22.07
N ILE B 203 14.43 9.06 -20.77
CA ILE B 203 15.66 8.47 -20.33
C ILE B 203 15.23 7.30 -19.41
N GLN B 204 15.68 6.08 -19.69
CA GLN B 204 15.48 4.93 -18.79
C GLN B 204 16.85 4.49 -18.33
N PRO B 205 17.23 4.88 -17.12
CA PRO B 205 18.55 4.41 -16.66
C PRO B 205 18.50 2.89 -16.30
N PRO B 206 19.67 2.23 -16.12
CA PRO B 206 19.57 0.82 -15.68
C PRO B 206 19.07 0.64 -14.21
N GLY B 207 19.49 1.51 -13.27
CA GLY B 207 19.30 1.30 -11.81
C GLY B 207 18.93 2.55 -11.00
N VAL B 208 17.78 3.10 -11.33
CA VAL B 208 17.19 4.30 -10.66
C VAL B 208 18.02 5.60 -10.89
N PHE B 209 19.33 5.61 -10.58
CA PHE B 209 20.10 6.89 -10.64
C PHE B 209 20.64 7.17 -12.04
N TYR B 210 20.20 8.26 -12.66
CA TYR B 210 20.84 8.67 -13.91
C TYR B 210 22.12 9.42 -13.59
N ASP B 211 23.19 8.64 -13.56
CA ASP B 211 24.44 9.16 -13.02
C ASP B 211 25.55 9.00 -14.03
N TYR B 212 26.78 9.23 -13.57
CA TYR B 212 27.92 9.20 -14.49
C TYR B 212 28.01 7.79 -15.12
N ASP B 213 27.83 6.75 -14.30
CA ASP B 213 27.82 5.36 -14.82
C ASP B 213 26.72 5.15 -15.84
N ALA B 214 25.50 5.60 -15.51
CA ALA B 214 24.39 5.40 -16.45
C ALA B 214 24.64 6.16 -17.80
N LYS B 215 25.31 7.30 -17.74
CA LYS B 215 25.60 8.12 -18.92
C LYS B 215 26.71 7.57 -19.78
N TYR B 216 27.79 7.11 -19.13
CA TYR B 216 29.04 6.89 -19.90
C TYR B 216 29.61 5.47 -19.77
N LEU B 217 29.23 4.71 -18.78
CA LEU B 217 29.83 3.37 -18.61
C LEU B 217 28.83 2.23 -18.90
N SER B 218 27.53 2.48 -18.72
CA SER B 218 26.49 1.47 -18.94
C SER B 218 26.10 1.36 -20.43
N ASP B 219 25.75 0.15 -20.89
CA ASP B 219 25.14 -0.08 -22.20
C ASP B 219 23.62 -0.28 -22.06
N LYS B 220 23.10 -0.17 -20.85
CA LYS B 220 21.71 -0.54 -20.60
C LYS B 220 20.84 0.69 -20.58
N THR B 221 21.46 1.86 -20.43
CA THR B 221 20.69 3.10 -20.47
C THR B 221 20.06 3.23 -21.84
N GLN B 222 18.79 3.58 -21.87
CA GLN B 222 18.13 3.86 -23.13
C GLN B 222 17.52 5.29 -23.20
N TYR B 223 17.58 5.85 -24.41
CA TYR B 223 17.12 7.23 -24.70
C TYR B 223 16.11 7.14 -25.80
N PHE B 224 14.99 7.87 -25.66
CA PHE B 224 13.97 7.99 -26.70
C PHE B 224 13.77 9.47 -27.08
N CYS B 225 13.92 9.77 -28.35
CA CYS B 225 13.62 11.14 -28.91
C CYS B 225 13.04 10.91 -30.31
N PRO B 226 11.77 11.18 -30.52
CA PRO B 226 10.77 11.77 -29.63
C PRO B 226 10.51 10.91 -28.37
N SER B 227 10.13 11.61 -27.33
CA SER B 227 9.93 11.02 -26.02
C SER B 227 8.77 10.07 -25.88
N GLY B 228 7.76 10.21 -26.73
CA GLY B 228 6.53 9.45 -26.60
C GLY B 228 5.41 10.17 -25.93
N LEU B 229 5.68 11.33 -25.29
CA LEU B 229 4.63 12.13 -24.78
C LEU B 229 3.75 12.66 -25.88
N SER B 230 2.52 12.95 -25.53
CA SER B 230 1.56 13.48 -26.43
C SER B 230 1.98 14.88 -26.74
N ASP B 231 1.41 15.41 -27.81
CA ASP B 231 1.67 16.79 -28.18
C ASP B 231 1.32 17.74 -27.06
N GLU B 232 0.20 17.51 -26.35
CA GLU B 232 -0.21 18.42 -25.27
C GLU B 232 0.80 18.38 -24.10
N SER B 233 1.19 17.18 -23.74
CA SER B 233 2.11 16.97 -22.65
C SER B 233 3.50 17.55 -23.00
N GLU B 234 3.94 17.39 -24.23
CA GLU B 234 5.21 18.04 -24.67
C GLU B 234 5.18 19.55 -24.51
N GLN B 235 4.07 20.17 -24.87
CA GLN B 235 3.92 21.60 -24.70
C GLN B 235 3.92 21.99 -23.23
N GLN B 236 3.31 21.19 -22.39
CA GLN B 236 3.31 21.53 -20.96
C GLN B 236 4.74 21.38 -20.38
N LEU B 237 5.43 20.31 -20.77
CA LEU B 237 6.79 20.04 -20.34
C LEU B 237 7.77 21.18 -20.78
N ALA B 238 7.60 21.60 -22.02
CA ALA B 238 8.42 22.72 -22.55
C ALA B 238 8.27 23.95 -21.75
N ALA B 239 7.03 24.34 -21.47
CA ALA B 239 6.77 25.52 -20.70
C ALA B 239 7.31 25.43 -19.31
N LEU B 240 7.11 24.25 -18.69
CA LEU B 240 7.63 24.03 -17.39
C LEU B 240 9.18 24.11 -17.34
N ALA B 241 9.82 23.43 -18.25
CA ALA B 241 11.26 23.41 -18.30
C ALA B 241 11.80 24.85 -18.44
N LEU B 242 11.14 25.63 -19.29
CA LEU B 242 11.63 27.03 -19.47
C LEU B 242 11.38 27.86 -18.20
N GLN B 243 10.26 27.67 -17.51
CA GLN B 243 10.07 28.35 -16.27
C GLN B 243 11.11 27.94 -15.23
N ALA B 244 11.44 26.64 -15.15
CA ALA B 244 12.40 26.17 -14.22
C ALA B 244 13.82 26.80 -14.45
N TYR B 245 14.20 26.85 -15.74
CA TYR B 245 15.49 27.36 -16.25
C TYR B 245 15.57 28.86 -15.90
N HIS B 246 14.53 29.58 -16.23
CA HIS B 246 14.47 31.02 -15.86
C HIS B 246 14.43 31.29 -14.37
N ALA B 247 13.79 30.45 -13.57
CA ALA B 247 13.70 30.64 -12.13
C ALA B 247 15.05 30.71 -11.50
N LEU B 248 16.03 29.95 -12.02
CA LEU B 248 17.37 29.82 -11.46
C LEU B 248 18.36 30.85 -12.16
N ASP B 249 17.79 31.74 -13.00
CA ASP B 249 18.56 32.75 -13.74
C ASP B 249 19.54 32.17 -14.73
N CYS B 250 19.25 31.00 -15.30
CA CYS B 250 20.14 30.33 -16.26
C CYS B 250 20.04 31.15 -17.62
N SER B 251 21.09 31.06 -18.37
CA SER B 251 21.12 31.67 -19.69
C SER B 251 22.07 31.00 -20.65
N GLY B 252 21.94 31.31 -21.93
CA GLY B 252 22.78 30.70 -22.94
C GLY B 252 22.19 29.40 -23.40
N TRP B 253 22.44 28.35 -22.56
CA TRP B 253 21.86 27.05 -22.87
C TRP B 253 21.93 26.25 -21.59
N GLY B 254 21.28 25.07 -21.60
CA GLY B 254 21.39 24.16 -20.45
C GLY B 254 20.39 23.03 -20.70
N ARG B 255 20.30 22.15 -19.68
CA ARG B 255 19.40 21.02 -19.80
C ARG B 255 18.67 20.84 -18.50
N VAL B 256 17.39 20.69 -18.58
CA VAL B 256 16.51 20.62 -17.42
C VAL B 256 16.05 19.11 -17.30
N ASP B 257 16.20 18.54 -16.13
CA ASP B 257 15.80 17.11 -15.85
C ASP B 257 14.52 17.14 -15.06
N VAL B 258 13.58 16.33 -15.52
CA VAL B 258 12.24 16.30 -14.99
C VAL B 258 11.85 14.78 -14.85
N MET B 259 11.00 14.51 -13.91
CA MET B 259 10.39 13.13 -13.83
C MET B 259 8.91 13.17 -13.58
N GLN B 260 8.25 12.07 -13.88
CA GLN B 260 6.86 11.95 -13.61
C GLN B 260 6.56 11.04 -12.39
N ASP B 261 5.40 11.34 -11.80
CA ASP B 261 4.74 10.37 -10.84
C ASP B 261 3.82 9.47 -11.61
N ARG B 262 3.10 8.60 -10.85
CA ARG B 262 2.28 7.63 -11.53
C ARG B 262 1.11 8.23 -12.23
N ASP B 263 0.67 9.44 -11.83
CA ASP B 263 -0.40 10.12 -12.48
C ASP B 263 -0.03 11.04 -13.64
N GLY B 264 1.25 11.06 -13.98
CA GLY B 264 1.80 11.79 -15.10
C GLY B 264 2.10 13.23 -14.73
N HIS B 265 2.04 13.64 -13.50
CA HIS B 265 2.50 14.98 -13.11
C HIS B 265 4.01 15.03 -13.24
N PHE B 266 4.47 16.20 -13.73
CA PHE B 266 5.87 16.49 -13.82
C PHE B 266 6.44 17.18 -12.56
N TYR B 267 7.67 16.76 -12.23
CA TYR B 267 8.44 17.25 -11.17
C TYR B 267 9.82 17.60 -11.61
N LEU B 268 10.32 18.78 -11.18
CA LEU B 268 11.64 19.19 -11.50
C LEU B 268 12.68 18.62 -10.61
N LEU B 269 13.77 18.17 -11.21
CA LEU B 269 14.88 17.64 -10.51
C LEU B 269 16.13 18.55 -10.45
N GLU B 270 16.58 18.98 -11.60
CA GLU B 270 17.80 19.76 -11.66
C GLU B 270 17.92 20.49 -13.02
N VAL B 271 18.86 21.44 -13.06
CA VAL B 271 19.30 22.00 -14.32
C VAL B 271 20.81 21.90 -14.36
N ASN B 272 21.30 21.38 -15.48
CA ASN B 272 22.72 21.27 -15.78
C ASN B 272 23.12 22.46 -16.66
N THR B 273 24.04 23.23 -16.13
CA THR B 273 24.55 24.44 -16.82
C THR B 273 25.80 24.28 -17.64
N SER B 274 26.46 23.10 -17.66
CA SER B 274 27.45 22.78 -18.77
C SER B 274 27.32 21.33 -19.32
N PRO B 275 26.31 21.10 -20.17
CA PRO B 275 25.97 19.71 -20.50
C PRO B 275 27.05 19.04 -21.40
N GLY B 276 27.05 17.71 -21.31
CA GLY B 276 27.87 16.96 -22.23
C GLY B 276 27.60 17.27 -23.66
N MET B 277 28.69 17.26 -24.45
CA MET B 277 28.65 17.52 -25.90
C MET B 277 29.36 16.43 -26.77
N THR B 278 29.39 15.22 -26.23
CA THR B 278 29.98 14.13 -26.98
C THR B 278 28.95 13.67 -28.02
N SER B 279 29.37 12.69 -28.82
CA SER B 279 28.55 12.08 -29.85
C SER B 279 27.35 11.33 -29.32
N HIS B 280 27.47 10.58 -28.25
CA HIS B 280 26.24 10.02 -27.71
C HIS B 280 25.44 11.01 -26.83
N SER B 281 25.88 12.30 -26.63
CA SER B 281 25.25 13.10 -25.56
C SER B 281 23.85 13.59 -25.90
N LEU B 282 23.14 13.98 -24.83
CA LEU B 282 21.73 14.34 -24.88
C LEU B 282 21.42 15.66 -25.64
N VAL B 283 22.18 16.74 -25.33
CA VAL B 283 21.85 17.99 -26.06
C VAL B 283 22.01 17.81 -27.56
N PRO B 284 23.10 17.19 -28.02
CA PRO B 284 23.19 16.91 -29.45
C PRO B 284 22.10 16.10 -30.04
N MET B 285 21.63 15.09 -29.33
CA MET B 285 20.50 14.30 -29.80
C MET B 285 19.21 15.12 -29.95
N ALA B 286 18.93 15.92 -28.95
CA ALA B 286 17.75 16.81 -29.00
C ALA B 286 17.91 17.83 -30.18
N ALA B 287 19.10 18.38 -30.31
CA ALA B 287 19.36 19.35 -31.38
C ALA B 287 19.13 18.71 -32.79
N ARG B 288 19.60 17.48 -32.97
CA ARG B 288 19.37 16.75 -34.25
C ARG B 288 17.92 16.56 -34.51
N GLN B 289 17.18 16.08 -33.55
CA GLN B 289 15.75 15.99 -33.68
C GLN B 289 14.98 17.31 -34.03
N TYR B 290 15.58 18.39 -33.61
CA TYR B 290 15.09 19.76 -33.88
C TYR B 290 15.48 20.27 -35.30
N GLY B 291 16.35 19.58 -35.96
CA GLY B 291 16.76 19.89 -37.30
C GLY B 291 18.08 20.63 -37.35
N LEU B 292 18.86 20.64 -36.27
CA LEU B 292 20.18 21.26 -36.27
C LEU B 292 21.29 20.25 -36.36
N SER B 293 22.28 20.57 -37.14
CA SER B 293 23.55 19.86 -37.12
C SER B 293 24.28 20.23 -35.80
N PHE B 294 25.22 19.38 -35.41
CA PHE B 294 26.04 19.62 -34.28
C PHE B 294 26.77 21.00 -34.45
N SER B 295 27.26 21.28 -35.67
CA SER B 295 28.02 22.53 -35.94
C SER B 295 27.07 23.77 -35.71
N GLN B 296 25.85 23.66 -36.21
CA GLN B 296 24.80 24.73 -36.00
C GLN B 296 24.57 24.92 -34.52
N LEU B 297 24.35 23.80 -33.81
CA LEU B 297 24.15 23.88 -32.36
C LEU B 297 25.20 24.64 -31.64
N VAL B 298 26.47 24.34 -31.84
CA VAL B 298 27.58 25.00 -31.10
C VAL B 298 27.78 26.43 -31.59
N ALA B 299 27.50 26.70 -32.86
CA ALA B 299 27.55 28.11 -33.32
C ALA B 299 26.47 28.91 -32.68
N ARG B 300 25.30 28.34 -32.50
CA ARG B 300 24.19 29.04 -31.87
C ARG B 300 24.52 29.34 -30.42
N ILE B 301 25.06 28.37 -29.72
CA ILE B 301 25.42 28.54 -28.34
C ILE B 301 26.42 29.69 -28.21
N LEU B 302 27.37 29.71 -29.11
CA LEU B 302 28.42 30.74 -29.08
C LEU B 302 27.86 32.10 -29.38
N MET B 303 26.91 32.19 -30.32
CA MET B 303 26.33 33.50 -30.68
C MET B 303 25.60 34.10 -29.42
N LEU B 304 25.12 33.25 -28.50
CA LEU B 304 24.50 33.74 -27.28
C LEU B 304 25.45 34.30 -26.23
N ALA B 305 26.75 34.19 -26.44
CA ALA B 305 27.73 34.77 -25.58
C ALA B 305 28.11 36.16 -26.15
N ASP B 306 28.03 37.19 -25.34
CA ASP B 306 28.50 38.51 -25.72
C ASP B 306 28.83 39.30 -24.47
N MET C 1 55.58 -33.74 -4.28
CA MET C 1 55.82 -32.28 -4.46
C MET C 1 54.58 -31.42 -4.16
N ALA C 2 54.83 -30.25 -3.63
CA ALA C 2 53.88 -29.14 -3.60
C ALA C 2 53.34 -28.84 -5.00
N GLU C 3 52.09 -28.43 -5.07
CA GLU C 3 51.42 -28.19 -6.35
C GLU C 3 51.68 -26.80 -6.86
N LYS C 4 51.85 -26.65 -8.18
CA LYS C 4 51.88 -25.32 -8.81
C LYS C 4 50.47 -25.01 -9.26
N VAL C 5 49.94 -23.90 -8.77
CA VAL C 5 48.53 -23.53 -9.00
C VAL C 5 48.39 -22.28 -9.89
N ALA C 6 47.60 -22.40 -10.95
CA ALA C 6 47.23 -21.28 -11.81
C ALA C 6 46.00 -20.64 -11.29
N VAL C 7 46.00 -19.32 -11.09
CA VAL C 7 44.79 -18.58 -10.78
C VAL C 7 44.37 -17.93 -12.08
N LEU C 8 43.35 -18.50 -12.74
CA LEU C 8 42.85 -17.90 -14.00
C LEU C 8 42.01 -16.69 -13.71
N LEU C 9 42.34 -15.57 -14.44
CA LEU C 9 41.74 -14.29 -14.18
C LEU C 9 41.72 -13.42 -15.46
N GLY C 10 40.88 -12.41 -15.37
CA GLY C 10 40.68 -11.45 -16.48
C GLY C 10 39.81 -12.01 -17.57
N GLY C 11 40.46 -12.64 -18.54
CA GLY C 11 39.83 -13.21 -19.70
C GLY C 11 39.26 -12.15 -20.64
N THR C 12 38.30 -12.56 -21.41
CA THR C 12 37.80 -11.73 -22.56
C THR C 12 36.31 -11.50 -22.49
N SER C 13 35.64 -11.89 -21.39
CA SER C 13 34.25 -11.59 -21.21
C SER C 13 34.01 -10.16 -20.81
N ALA C 14 32.74 -9.82 -20.79
CA ALA C 14 32.31 -8.49 -20.37
C ALA C 14 32.66 -8.25 -18.94
N GLU C 15 32.71 -9.32 -18.12
CA GLU C 15 33.15 -9.26 -16.74
C GLU C 15 34.66 -9.24 -16.48
N ARG C 16 35.46 -8.94 -17.45
CA ARG C 16 36.90 -9.00 -17.36
C ARG C 16 37.42 -8.16 -16.20
N GLU C 17 36.96 -6.91 -16.13
CA GLU C 17 37.49 -6.06 -15.06
C GLU C 17 37.20 -6.54 -13.63
N VAL C 18 36.02 -7.10 -13.42
CA VAL C 18 35.68 -7.68 -12.14
C VAL C 18 36.57 -8.93 -11.94
N SER C 19 36.73 -9.78 -12.95
CA SER C 19 37.58 -10.92 -12.84
C SER C 19 39.04 -10.64 -12.52
N LEU C 20 39.58 -9.55 -13.07
CA LEU C 20 40.90 -9.11 -12.67
C LEU C 20 40.95 -8.87 -11.17
N LEU C 21 39.95 -8.20 -10.63
CA LEU C 21 39.93 -7.98 -9.21
C LEU C 21 39.75 -9.29 -8.42
N SER C 22 38.86 -10.17 -8.88
CA SER C 22 38.72 -11.44 -8.19
C SER C 22 40.02 -12.24 -8.16
N GLY C 23 40.71 -12.37 -9.29
CA GLY C 23 41.90 -13.11 -9.42
C GLY C 23 43.04 -12.52 -8.65
N GLN C 24 43.11 -11.17 -8.64
CA GLN C 24 44.12 -10.54 -7.80
C GLN C 24 43.91 -10.87 -6.31
N ALA C 25 42.66 -10.81 -5.86
CA ALA C 25 42.35 -11.09 -4.47
C ALA C 25 42.66 -12.56 -4.15
N VAL C 26 42.19 -13.47 -5.01
CA VAL C 26 42.44 -14.89 -4.84
C VAL C 26 43.93 -15.18 -4.79
N LEU C 27 44.71 -14.62 -5.70
CA LEU C 27 46.12 -14.87 -5.73
C LEU C 27 46.76 -14.45 -4.36
N ALA C 28 46.40 -13.29 -3.86
CA ALA C 28 46.97 -12.78 -2.60
C ALA C 28 46.56 -13.69 -1.40
N GLY C 29 45.29 -14.11 -1.34
CA GLY C 29 44.83 -15.06 -0.34
C GLY C 29 45.56 -16.36 -0.38
N LEU C 30 45.71 -16.95 -1.57
CA LEU C 30 46.43 -18.22 -1.74
C LEU C 30 47.90 -18.07 -1.31
N LYS C 31 48.53 -16.95 -1.63
CA LYS C 31 49.92 -16.78 -1.23
C LYS C 31 50.01 -16.59 0.29
N GLU C 32 49.09 -15.87 0.90
CA GLU C 32 48.96 -15.83 2.41
C GLU C 32 48.86 -17.20 3.03
N ALA C 33 48.28 -18.17 2.33
CA ALA C 33 48.13 -19.53 2.82
C ALA C 33 49.33 -20.43 2.47
N GLY C 34 50.37 -19.85 1.84
CA GLY C 34 51.51 -20.60 1.40
C GLY C 34 51.34 -21.50 0.24
N ILE C 35 50.31 -21.24 -0.57
CA ILE C 35 50.10 -21.96 -1.79
C ILE C 35 50.99 -21.36 -2.94
N ASP C 36 51.57 -22.25 -3.73
CA ASP C 36 52.44 -21.83 -4.83
C ASP C 36 51.56 -21.50 -6.04
N ALA C 37 51.02 -20.31 -5.97
CA ALA C 37 50.04 -19.83 -6.93
C ALA C 37 50.63 -18.71 -7.80
N TYR C 38 50.10 -18.61 -9.02
CA TYR C 38 50.57 -17.73 -10.04
C TYR C 38 49.37 -17.18 -10.77
N GLY C 39 49.34 -15.90 -11.05
CA GLY C 39 48.22 -15.31 -11.77
C GLY C 39 48.40 -15.51 -13.25
N VAL C 40 47.35 -15.96 -13.94
CA VAL C 40 47.36 -16.12 -15.33
C VAL C 40 46.23 -15.35 -15.99
N ASP C 41 46.52 -14.25 -16.67
CA ASP C 41 45.49 -13.50 -17.38
C ASP C 41 45.24 -14.18 -18.66
N THR C 42 44.14 -14.94 -18.74
CA THR C 42 43.83 -15.73 -19.90
C THR C 42 43.54 -14.99 -21.20
N LYS C 43 43.41 -13.67 -21.13
CA LYS C 43 43.33 -12.83 -22.38
C LYS C 43 44.62 -12.97 -23.13
N ASP C 44 45.71 -13.10 -22.39
CA ASP C 44 47.05 -13.10 -22.95
C ASP C 44 47.75 -14.42 -23.01
N PHE C 45 47.25 -15.44 -22.30
CA PHE C 45 47.91 -16.71 -22.22
C PHE C 45 46.82 -17.73 -22.50
N PRO C 46 47.03 -18.62 -23.48
CA PRO C 46 45.99 -19.58 -23.82
C PRO C 46 45.86 -20.71 -22.80
N VAL C 47 44.62 -20.98 -22.41
CA VAL C 47 44.39 -21.92 -21.35
C VAL C 47 44.82 -23.34 -21.76
N THR C 48 44.79 -23.59 -23.05
CA THR C 48 45.25 -24.89 -23.58
C THR C 48 46.70 -25.21 -23.31
N GLN C 49 47.51 -24.22 -22.94
CA GLN C 49 48.88 -24.48 -22.57
C GLN C 49 49.21 -24.55 -21.10
N LEU C 50 48.20 -24.68 -20.24
CA LEU C 50 48.46 -24.65 -18.83
C LEU C 50 49.28 -25.88 -18.40
N LYS C 51 49.10 -27.04 -19.01
CA LYS C 51 49.82 -28.21 -18.53
C LYS C 51 51.28 -28.11 -18.97
N GLU C 52 51.44 -27.67 -20.21
CA GLU C 52 52.78 -27.36 -20.79
C GLU C 52 53.59 -26.41 -19.95
N GLN C 53 52.94 -25.40 -19.38
CA GLN C 53 53.57 -24.44 -18.50
C GLN C 53 53.93 -24.96 -17.12
N GLY C 54 53.49 -26.19 -16.79
CA GLY C 54 53.86 -26.82 -15.54
C GLY C 54 52.89 -26.78 -14.41
N PHE C 55 51.72 -26.20 -14.65
CA PHE C 55 50.70 -26.19 -13.57
C PHE C 55 50.14 -27.55 -13.23
N ASP C 56 49.85 -27.78 -11.96
CA ASP C 56 49.26 -29.04 -11.44
C ASP C 56 47.78 -28.95 -11.12
N LYS C 57 47.32 -27.74 -10.83
CA LYS C 57 45.94 -27.53 -10.38
C LYS C 57 45.50 -26.11 -10.77
N VAL C 58 44.21 -25.88 -10.92
CA VAL C 58 43.76 -24.57 -11.39
C VAL C 58 42.68 -23.97 -10.49
N PHE C 59 42.88 -22.72 -10.11
CA PHE C 59 41.78 -21.99 -9.40
C PHE C 59 41.13 -21.04 -10.42
N ILE C 60 39.86 -21.24 -10.70
CA ILE C 60 39.13 -20.47 -11.72
C ILE C 60 38.56 -19.26 -11.02
N ALA C 61 39.05 -18.06 -11.43
CA ALA C 61 38.54 -16.81 -10.98
C ALA C 61 38.00 -15.99 -12.16
N LEU C 62 37.66 -16.65 -13.27
CA LEU C 62 37.02 -16.07 -14.44
C LEU C 62 35.53 -15.97 -14.24
N HIS C 63 34.88 -15.01 -14.90
CA HIS C 63 33.41 -14.86 -14.76
C HIS C 63 32.83 -14.73 -16.18
N GLY C 64 31.60 -15.24 -16.34
CA GLY C 64 30.83 -15.12 -17.53
C GLY C 64 31.34 -15.98 -18.66
N ARG C 65 31.14 -15.54 -19.91
CA ARG C 65 31.48 -16.34 -21.08
C ARG C 65 32.93 -16.81 -21.11
N GLY C 66 33.10 -18.12 -21.36
CA GLY C 66 34.38 -18.80 -21.40
C GLY C 66 35.02 -19.08 -20.06
N GLY C 67 34.35 -18.73 -18.98
CA GLY C 67 34.82 -18.92 -17.64
C GLY C 67 33.95 -19.84 -16.77
N GLU C 68 32.63 -19.57 -16.77
CA GLU C 68 31.72 -20.28 -15.92
C GLU C 68 30.72 -21.08 -16.66
N ASP C 69 30.98 -21.36 -17.93
CA ASP C 69 29.96 -21.90 -18.82
C ASP C 69 30.23 -23.28 -19.37
N GLY C 70 31.28 -23.89 -18.87
CA GLY C 70 31.61 -25.27 -19.38
C GLY C 70 32.70 -25.36 -20.38
N THR C 71 33.02 -24.25 -21.10
CA THR C 71 34.01 -24.28 -22.16
C THR C 71 35.40 -24.45 -21.54
N LEU C 72 35.75 -23.61 -20.55
CA LEU C 72 36.99 -23.76 -19.86
C LEU C 72 37.17 -25.08 -19.14
N GLN C 73 36.07 -25.53 -18.55
CA GLN C 73 36.07 -26.82 -17.84
C GLN C 73 36.38 -27.91 -18.80
N GLY C 74 35.87 -27.79 -20.00
CA GLY C 74 36.19 -28.80 -21.05
C GLY C 74 37.67 -28.86 -21.39
N VAL C 75 38.29 -27.70 -21.47
CA VAL C 75 39.71 -27.63 -21.77
C VAL C 75 40.48 -28.26 -20.62
N LEU C 76 40.07 -27.99 -19.41
CA LEU C 76 40.78 -28.50 -18.27
C LEU C 76 40.62 -30.02 -18.12
N GLU C 77 39.44 -30.53 -18.45
CA GLU C 77 39.23 -31.96 -18.48
C GLU C 77 40.14 -32.61 -19.54
N PHE C 78 40.22 -32.01 -20.75
CA PHE C 78 41.13 -32.51 -21.81
C PHE C 78 42.57 -32.58 -21.32
N LEU C 79 42.99 -31.58 -20.59
CA LEU C 79 44.34 -31.52 -20.01
C LEU C 79 44.52 -32.43 -18.78
N GLN C 80 43.42 -32.90 -18.21
CA GLN C 80 43.41 -33.70 -16.99
C GLN C 80 44.06 -32.95 -15.87
N LEU C 81 43.75 -31.65 -15.76
CA LEU C 81 44.13 -30.85 -14.61
C LEU C 81 42.93 -30.69 -13.68
N PRO C 82 43.11 -30.95 -12.40
CA PRO C 82 42.10 -30.63 -11.42
C PRO C 82 41.84 -29.07 -11.31
N TYR C 83 40.59 -28.74 -11.05
CA TYR C 83 40.24 -27.34 -10.98
C TYR C 83 39.15 -27.09 -9.97
N THR C 84 39.00 -25.87 -9.56
CA THR C 84 37.97 -25.53 -8.66
C THR C 84 36.58 -25.38 -9.32
N GLY C 85 35.54 -25.46 -8.48
CA GLY C 85 34.19 -25.26 -8.89
C GLY C 85 33.62 -26.49 -9.67
N SER C 86 32.53 -26.27 -10.33
CA SER C 86 31.72 -27.29 -10.95
C SER C 86 32.31 -27.77 -12.23
N GLY C 87 31.88 -28.98 -12.64
CA GLY C 87 32.36 -29.59 -13.82
C GLY C 87 31.71 -29.08 -15.07
N VAL C 88 31.92 -29.77 -16.16
CA VAL C 88 31.47 -29.37 -17.50
C VAL C 88 29.96 -29.21 -17.56
N MET C 89 29.24 -30.31 -17.28
CA MET C 89 27.83 -30.30 -17.38
C MET C 89 27.18 -29.22 -16.50
N ALA C 90 27.53 -29.21 -15.24
CA ALA C 90 26.89 -28.28 -14.28
C ALA C 90 27.22 -26.79 -14.69
N SER C 91 28.47 -26.57 -15.08
CA SER C 91 28.91 -25.23 -15.56
C SER C 91 28.06 -24.73 -16.70
N ALA C 92 27.83 -25.55 -17.70
CA ALA C 92 27.04 -25.17 -18.82
C ALA C 92 25.55 -25.14 -18.51
N LEU C 93 25.02 -26.11 -17.75
CA LEU C 93 23.58 -26.18 -17.53
C LEU C 93 23.13 -24.95 -16.77
N THR C 94 23.96 -24.53 -15.84
CA THR C 94 23.62 -23.36 -15.00
C THR C 94 23.50 -22.04 -15.79
N MET C 95 23.95 -22.03 -17.02
CA MET C 95 23.77 -20.86 -17.93
C MET C 95 22.44 -20.83 -18.63
N ASP C 96 21.74 -21.98 -18.58
CA ASP C 96 20.58 -22.23 -19.34
C ASP C 96 19.43 -22.16 -18.39
N LYS C 97 18.71 -21.02 -18.35
CA LYS C 97 17.72 -20.88 -17.38
C LYS C 97 16.51 -21.81 -17.60
N LEU C 98 16.19 -22.07 -18.84
CA LEU C 98 15.10 -23.01 -19.15
C LEU C 98 15.42 -24.41 -18.60
N ARG C 99 16.58 -24.94 -18.93
CA ARG C 99 16.86 -26.35 -18.55
C ARG C 99 17.16 -26.46 -17.06
N THR C 100 17.70 -25.42 -16.40
CA THR C 100 17.83 -25.35 -14.98
C THR C 100 16.42 -25.49 -14.34
N LYS C 101 15.50 -24.69 -14.85
CA LYS C 101 14.14 -24.68 -14.37
C LYS C 101 13.48 -26.02 -14.53
N LEU C 102 13.78 -26.73 -15.60
CA LEU C 102 13.08 -27.96 -15.87
C LEU C 102 13.59 -29.04 -14.92
N VAL C 103 14.89 -29.12 -14.72
CA VAL C 103 15.48 -30.03 -13.73
C VAL C 103 14.85 -29.85 -12.37
N TRP C 104 14.81 -28.58 -11.89
CA TRP C 104 14.23 -28.29 -10.65
C TRP C 104 12.74 -28.62 -10.55
N GLN C 105 12.01 -28.38 -11.58
CA GLN C 105 10.54 -28.63 -11.63
C GLN C 105 10.32 -30.14 -11.48
N ALA C 106 11.11 -30.90 -12.20
CA ALA C 106 10.97 -32.39 -12.11
C ALA C 106 11.27 -32.96 -10.76
N LEU C 107 12.12 -32.34 -9.98
CA LEU C 107 12.45 -32.74 -8.66
C LEU C 107 11.49 -32.14 -7.60
N GLY C 108 10.55 -31.35 -8.03
CA GLY C 108 9.53 -30.77 -7.16
C GLY C 108 10.05 -29.56 -6.37
N LEU C 109 11.15 -28.98 -6.84
CA LEU C 109 11.71 -27.78 -6.20
C LEU C 109 10.95 -26.58 -6.71
N PRO C 110 10.86 -25.52 -5.85
CA PRO C 110 10.05 -24.36 -6.19
C PRO C 110 10.62 -23.37 -7.18
N ILE C 111 9.88 -23.08 -8.26
CA ILE C 111 10.20 -22.09 -9.23
C ILE C 111 8.99 -21.31 -9.60
N SER C 112 9.25 -20.15 -10.12
CA SER C 112 8.12 -19.23 -10.47
C SER C 112 7.29 -19.89 -11.57
N PRO C 113 5.95 -19.85 -11.46
CA PRO C 113 5.19 -20.25 -12.64
C PRO C 113 5.65 -19.58 -13.90
N TYR C 114 5.70 -20.34 -14.99
CA TYR C 114 6.23 -19.82 -16.21
C TYR C 114 5.70 -20.56 -17.43
N VAL C 115 5.95 -19.94 -18.57
CA VAL C 115 5.69 -20.47 -19.90
C VAL C 115 6.95 -20.25 -20.66
N ALA C 116 7.39 -21.29 -21.36
CA ALA C 116 8.49 -21.16 -22.27
C ALA C 116 7.97 -21.13 -23.70
N LEU C 117 8.61 -20.30 -24.48
CA LEU C 117 8.35 -20.17 -25.90
C LEU C 117 9.62 -20.26 -26.69
N ASN C 118 9.64 -21.19 -27.66
CA ASN C 118 10.69 -21.19 -28.71
C ASN C 118 10.29 -20.25 -29.84
N ARG C 119 11.21 -19.99 -30.76
CA ARG C 119 10.87 -19.08 -31.87
C ARG C 119 9.84 -19.65 -32.88
N GLN C 120 9.84 -20.95 -33.14
CA GLN C 120 8.88 -21.53 -34.08
C GLN C 120 7.44 -21.36 -33.56
N GLN C 121 7.24 -21.29 -32.25
CA GLN C 121 5.92 -20.98 -31.69
C GLN C 121 5.64 -19.51 -31.78
N PHE C 122 6.70 -18.73 -31.64
CA PHE C 122 6.60 -17.29 -31.67
C PHE C 122 6.06 -16.78 -32.99
N GLU C 123 6.72 -17.10 -34.09
CA GLU C 123 6.29 -16.59 -35.41
C GLU C 123 4.98 -17.25 -35.90
N THR C 124 4.64 -18.41 -35.36
CA THR C 124 3.37 -19.10 -35.60
C THR C 124 2.17 -18.45 -34.91
N LEU C 125 2.39 -17.60 -33.91
CA LEU C 125 1.30 -17.09 -33.09
C LEU C 125 1.18 -15.57 -33.10
N SER C 126 -0.08 -15.10 -33.04
CA SER C 126 -0.39 -13.65 -33.03
C SER C 126 -0.19 -13.11 -31.63
N PRO C 127 0.01 -11.79 -31.53
CA PRO C 127 0.13 -11.14 -30.25
C PRO C 127 -0.97 -11.53 -29.29
N GLU C 128 -2.19 -11.73 -29.78
CA GLU C 128 -3.32 -12.08 -28.90
C GLU C 128 -3.35 -13.53 -28.42
N GLU C 129 -2.95 -14.45 -29.29
CA GLU C 129 -2.83 -15.85 -28.88
C GLU C 129 -1.70 -16.03 -27.85
N LEU C 130 -0.63 -15.26 -28.03
CA LEU C 130 0.50 -15.11 -27.10
C LEU C 130 0.06 -14.59 -25.71
N VAL C 131 -0.86 -13.61 -25.68
CA VAL C 131 -1.43 -13.11 -24.42
C VAL C 131 -2.25 -14.20 -23.76
N ALA C 132 -3.08 -14.89 -24.53
CA ALA C 132 -3.80 -16.03 -23.96
C ALA C 132 -2.83 -17.14 -23.45
N CYS C 133 -1.69 -17.39 -24.15
CA CYS C 133 -0.70 -18.46 -23.72
C CYS C 133 -0.22 -18.21 -22.27
N VAL C 134 -0.02 -16.93 -21.96
CA VAL C 134 0.52 -16.52 -20.67
C VAL C 134 -0.52 -16.02 -19.69
N ALA C 135 -1.79 -15.98 -20.12
CA ALA C 135 -2.85 -15.41 -19.30
C ALA C 135 -2.85 -15.98 -17.87
N LYS C 136 -2.69 -17.30 -17.76
CA LYS C 136 -2.71 -18.02 -16.48
C LYS C 136 -1.63 -17.56 -15.48
N LEU C 137 -0.58 -16.90 -15.96
CA LEU C 137 0.46 -16.41 -15.06
C LEU C 137 0.06 -15.11 -14.34
N GLY C 138 -1.03 -14.51 -14.76
CA GLY C 138 -1.37 -13.15 -14.30
C GLY C 138 -0.40 -12.03 -14.66
N LEU C 139 -0.44 -10.95 -13.87
CA LEU C 139 0.41 -9.80 -14.12
C LEU C 139 0.91 -9.29 -12.80
N PRO C 140 2.06 -8.62 -12.76
CA PRO C 140 2.99 -8.47 -13.85
C PRO C 140 3.83 -9.73 -14.14
N LEU C 141 4.68 -9.60 -15.14
CA LEU C 141 5.50 -10.73 -15.69
C LEU C 141 6.88 -10.28 -15.96
N ILE C 142 7.81 -11.26 -15.94
CA ILE C 142 9.16 -10.99 -16.40
C ILE C 142 9.33 -11.81 -17.65
N VAL C 143 9.89 -11.17 -18.69
CA VAL C 143 10.24 -11.82 -19.92
C VAL C 143 11.77 -11.83 -20.03
N LYS C 144 12.35 -12.99 -20.35
CA LYS C 144 13.82 -13.11 -20.42
C LYS C 144 14.24 -14.21 -21.47
N PRO C 145 15.37 -14.02 -22.08
CA PRO C 145 16.12 -14.97 -22.89
C PRO C 145 16.45 -16.19 -21.97
N SER C 146 16.45 -17.40 -22.48
CA SER C 146 16.83 -18.50 -21.66
C SER C 146 18.27 -18.44 -21.26
N HIS C 147 19.15 -17.83 -22.06
CA HIS C 147 20.50 -17.84 -21.70
C HIS C 147 21.05 -16.67 -21.05
N GLU C 148 21.89 -17.02 -20.07
CA GLU C 148 22.67 -16.06 -19.38
C GLU C 148 23.52 -15.35 -20.42
N GLY C 149 23.20 -14.08 -20.68
CA GLY C 149 24.07 -13.23 -21.47
C GLY C 149 24.31 -11.90 -20.77
N SER C 150 24.93 -11.94 -19.58
CA SER C 150 25.24 -10.69 -18.84
C SER C 150 23.97 -9.82 -18.71
N SER C 151 22.85 -10.53 -18.69
CA SER C 151 21.52 -10.00 -18.53
C SER C 151 21.08 -8.87 -19.48
N VAL C 152 21.28 -9.05 -20.79
CA VAL C 152 20.54 -8.27 -21.78
C VAL C 152 19.18 -8.90 -22.04
N GLY C 153 18.21 -8.10 -22.52
CA GLY C 153 17.03 -8.67 -23.08
C GLY C 153 15.88 -9.00 -22.13
N MET C 154 15.98 -8.52 -20.89
CA MET C 154 14.94 -8.76 -19.88
C MET C 154 14.05 -7.56 -19.76
N SER C 155 12.74 -7.77 -19.59
CA SER C 155 11.79 -6.70 -19.25
C SER C 155 10.76 -7.15 -18.25
N LYS C 156 10.16 -6.17 -17.57
CA LYS C 156 8.99 -6.37 -16.73
C LYS C 156 7.80 -5.90 -17.56
N VAL C 157 6.76 -6.72 -17.59
CA VAL C 157 5.58 -6.43 -18.36
C VAL C 157 4.47 -6.22 -17.34
N ASP C 158 3.88 -5.00 -17.33
CA ASP C 158 2.82 -4.67 -16.39
C ASP C 158 1.40 -4.78 -16.97
N HIS C 159 1.28 -4.71 -18.30
CA HIS C 159 0.00 -4.79 -19.03
C HIS C 159 0.23 -5.74 -20.20
N ALA C 160 -0.81 -6.51 -20.54
CA ALA C 160 -0.80 -7.39 -21.74
C ALA C 160 -0.27 -6.72 -23.03
N SER C 161 -0.57 -5.43 -23.23
CA SER C 161 -0.15 -4.72 -24.44
C SER C 161 1.37 -4.54 -24.55
N GLU C 162 2.10 -4.60 -23.42
CA GLU C 162 3.59 -4.51 -23.43
C GLU C 162 4.29 -5.87 -23.76
N LEU C 163 3.56 -6.98 -23.69
CA LEU C 163 4.13 -8.35 -23.93
C LEU C 163 4.83 -8.51 -25.27
N GLN C 164 4.13 -8.24 -26.40
CA GLN C 164 4.74 -8.50 -27.70
C GLN C 164 6.10 -7.82 -27.84
N LYS C 165 6.23 -6.62 -27.34
CA LYS C 165 7.49 -5.88 -27.44
C LYS C 165 8.62 -6.47 -26.55
N ALA C 166 8.23 -6.99 -25.41
CA ALA C 166 9.19 -7.68 -24.55
C ALA C 166 9.68 -8.97 -25.26
N LEU C 167 8.75 -9.71 -25.84
CA LEU C 167 8.98 -10.93 -26.56
C LEU C 167 9.85 -10.79 -27.79
N VAL C 168 9.69 -9.71 -28.57
CA VAL C 168 10.51 -9.53 -29.79
C VAL C 168 11.92 -9.27 -29.31
N GLU C 169 12.04 -8.44 -28.26
CA GLU C 169 13.33 -8.05 -27.71
C GLU C 169 14.12 -9.26 -27.11
N ALA C 170 13.41 -10.15 -26.41
CA ALA C 170 14.02 -11.36 -25.85
C ALA C 170 14.49 -12.26 -26.99
N PHE C 171 13.63 -12.45 -28.01
CA PHE C 171 13.88 -13.39 -29.11
C PHE C 171 14.99 -12.92 -30.01
N GLN C 172 15.46 -11.70 -29.82
CA GLN C 172 16.68 -11.23 -30.45
C GLN C 172 17.91 -12.03 -30.01
N HIS C 173 17.92 -12.42 -28.73
CA HIS C 173 19.11 -13.03 -28.14
C HIS C 173 19.03 -14.51 -28.01
N ASP C 174 17.84 -15.11 -28.18
CA ASP C 174 17.75 -16.52 -27.96
C ASP C 174 16.53 -17.15 -28.59
N SER C 175 16.56 -18.44 -28.91
CA SER C 175 15.35 -19.07 -29.47
C SER C 175 14.53 -19.85 -28.43
N ASP C 176 14.95 -19.84 -27.16
CA ASP C 176 14.09 -20.22 -26.04
C ASP C 176 13.88 -18.94 -25.19
N VAL C 177 12.63 -18.67 -24.85
CA VAL C 177 12.31 -17.47 -24.05
C VAL C 177 11.40 -17.88 -22.95
N LEU C 178 11.59 -17.20 -21.82
CA LEU C 178 10.86 -17.50 -20.65
C LEU C 178 9.91 -16.33 -20.28
N ILE C 179 8.69 -16.69 -19.94
CA ILE C 179 7.76 -15.73 -19.38
C ILE C 179 7.36 -16.25 -18.04
N GLU C 180 7.69 -15.46 -16.97
CA GLU C 180 7.48 -15.93 -15.63
C GLU C 180 6.60 -14.95 -14.83
N LYS C 181 5.86 -15.50 -13.89
CA LYS C 181 5.20 -14.68 -12.88
C LYS C 181 6.26 -13.80 -12.20
N TRP C 182 5.97 -12.51 -12.07
CA TRP C 182 6.84 -11.59 -11.35
C TRP C 182 6.77 -11.86 -9.87
N LEU C 183 7.92 -12.12 -9.27
CA LEU C 183 8.10 -12.37 -7.82
C LEU C 183 8.37 -11.07 -7.11
N SER C 184 7.72 -10.84 -5.99
CA SER C 184 7.86 -9.56 -5.24
C SER C 184 9.22 -9.39 -4.58
N GLY C 185 9.87 -10.51 -4.23
CA GLY C 185 11.09 -10.40 -3.41
C GLY C 185 10.71 -10.36 -1.95
N PRO C 186 11.69 -10.26 -1.05
CA PRO C 186 13.08 -9.91 -1.32
C PRO C 186 13.93 -11.05 -2.01
N GLU C 187 15.08 -10.62 -2.47
CA GLU C 187 16.06 -11.54 -3.14
C GLU C 187 17.17 -11.91 -2.18
N PHE C 188 17.73 -13.12 -2.34
CA PHE C 188 18.73 -13.62 -1.42
C PHE C 188 19.77 -14.39 -2.26
N THR C 189 20.96 -14.51 -1.73
CA THR C 189 21.94 -15.49 -2.30
C THR C 189 22.47 -16.33 -1.16
N VAL C 190 22.73 -17.66 -1.43
CA VAL C 190 23.27 -18.53 -0.45
C VAL C 190 24.56 -19.23 -1.02
N ALA C 191 25.69 -18.90 -0.42
CA ALA C 191 26.97 -19.43 -0.87
C ALA C 191 27.09 -20.86 -0.30
N ILE C 192 27.66 -21.73 -1.12
CA ILE C 192 27.90 -23.11 -0.75
C ILE C 192 29.36 -23.38 -0.92
N LEU C 193 29.96 -24.06 0.08
CA LEU C 193 31.37 -24.38 0.02
C LEU C 193 31.51 -25.84 0.36
N GLY C 194 31.71 -26.72 -0.62
CA GLY C 194 31.75 -28.15 -0.35
C GLY C 194 30.34 -28.57 0.09
N ASP C 195 30.27 -29.14 1.27
CA ASP C 195 28.94 -29.55 1.75
C ASP C 195 28.38 -28.49 2.73
N GLU C 196 29.09 -27.36 2.89
CA GLU C 196 28.74 -26.38 3.92
C GLU C 196 27.92 -25.28 3.24
N VAL C 197 26.78 -24.96 3.84
CA VAL C 197 25.96 -23.83 3.40
C VAL C 197 26.31 -22.64 4.30
N LEU C 198 26.64 -21.50 3.69
CA LEU C 198 27.05 -20.33 4.40
C LEU C 198 25.82 -19.42 4.66
N PRO C 199 25.96 -18.36 5.50
CA PRO C 199 24.85 -17.49 5.85
C PRO C 199 24.37 -16.78 4.58
N SER C 200 23.06 -16.74 4.47
CA SER C 200 22.37 -16.09 3.36
C SER C 200 22.63 -14.57 3.41
N ILE C 201 22.53 -13.96 2.26
CA ILE C 201 22.65 -12.50 2.09
C ILE C 201 21.41 -12.00 1.38
N ARG C 202 20.79 -10.98 1.93
CA ARG C 202 19.73 -10.33 1.24
C ARG C 202 20.25 -9.24 0.35
N ILE C 203 19.72 -9.19 -0.85
CA ILE C 203 20.23 -8.38 -1.93
C ILE C 203 19.09 -7.46 -2.35
N GLN C 204 19.36 -6.16 -2.31
CA GLN C 204 18.32 -5.19 -2.69
C GLN C 204 18.86 -4.24 -3.74
N PRO C 205 18.64 -4.56 -5.02
CA PRO C 205 19.10 -3.66 -6.06
C PRO C 205 18.22 -2.40 -6.05
N PRO C 206 18.68 -1.38 -6.70
CA PRO C 206 17.86 -0.13 -6.70
C PRO C 206 16.69 -0.23 -7.72
N GLY C 207 16.93 -0.87 -8.86
CA GLY C 207 15.90 -1.15 -9.85
C GLY C 207 15.21 -2.50 -9.73
N VAL C 208 14.58 -2.86 -10.84
CA VAL C 208 13.64 -4.00 -10.91
C VAL C 208 14.44 -5.32 -10.91
N PHE C 209 15.65 -5.25 -11.42
CA PHE C 209 16.49 -6.46 -11.66
C PHE C 209 17.80 -6.40 -10.86
N TYR C 210 18.24 -7.55 -10.33
CA TYR C 210 19.63 -7.69 -9.91
C TYR C 210 20.45 -8.15 -11.13
N ASP C 211 20.80 -7.15 -11.96
CA ASP C 211 21.27 -7.38 -13.32
C ASP C 211 22.77 -7.01 -13.36
N TYR C 212 23.36 -7.09 -14.56
CA TYR C 212 24.81 -6.85 -14.76
C TYR C 212 25.24 -5.53 -14.14
N ASP C 213 24.48 -4.46 -14.40
CA ASP C 213 24.83 -3.18 -13.75
C ASP C 213 24.79 -3.19 -12.24
N ALA C 214 23.75 -3.80 -11.65
CA ALA C 214 23.63 -3.80 -10.21
C ALA C 214 24.72 -4.65 -9.62
N LYS C 215 25.19 -5.66 -10.38
CA LYS C 215 26.29 -6.49 -9.81
C LYS C 215 27.65 -5.91 -9.92
N TYR C 216 27.95 -5.32 -11.08
CA TYR C 216 29.30 -4.98 -11.45
C TYR C 216 29.62 -3.51 -11.67
N LEU C 217 28.63 -2.65 -11.80
CA LEU C 217 28.94 -1.22 -12.13
C LEU C 217 28.62 -0.32 -10.93
N SER C 218 27.40 -0.49 -10.44
CA SER C 218 26.81 0.38 -9.40
C SER C 218 27.23 0.10 -7.96
N ASP C 219 27.28 1.16 -7.16
CA ASP C 219 27.63 1.09 -5.73
C ASP C 219 26.34 1.19 -4.91
N LYS C 220 25.20 0.99 -5.54
CA LYS C 220 23.89 1.27 -4.92
C LYS C 220 23.19 0.03 -4.38
N THR C 221 23.58 -1.16 -4.82
CA THR C 221 22.87 -2.33 -4.36
C THR C 221 23.18 -2.48 -2.87
N GLN C 222 22.15 -2.74 -2.08
CA GLN C 222 22.29 -2.92 -0.62
C GLN C 222 22.35 -4.45 -0.37
N TYR C 223 23.27 -4.81 0.50
CA TYR C 223 23.47 -6.20 0.94
C TYR C 223 23.31 -6.28 2.44
N PHE C 224 22.65 -7.31 2.92
CA PHE C 224 22.46 -7.49 4.28
C PHE C 224 22.86 -8.90 4.67
N CYS C 225 23.78 -9.01 5.62
CA CYS C 225 24.22 -10.30 6.12
C CYS C 225 24.51 -10.04 7.59
N PRO C 226 23.72 -10.60 8.51
CA PRO C 226 22.61 -11.55 8.29
C PRO C 226 21.52 -10.94 7.49
N SER C 227 20.69 -11.80 6.89
CA SER C 227 19.75 -11.37 5.92
C SER C 227 18.53 -10.73 6.54
N GLY C 228 18.29 -11.05 7.80
CA GLY C 228 17.12 -10.55 8.52
C GLY C 228 16.02 -11.58 8.50
N LEU C 229 16.19 -12.71 7.77
CA LEU C 229 15.25 -13.80 7.93
C LEU C 229 15.20 -14.41 9.33
N SER C 230 14.01 -14.88 9.71
CA SER C 230 13.84 -15.59 10.94
C SER C 230 14.69 -16.83 10.91
N ASP C 231 15.01 -17.36 12.08
CA ASP C 231 15.81 -18.60 12.13
C ASP C 231 15.17 -19.76 11.36
N GLU C 232 13.85 -19.90 11.43
CA GLU C 232 13.18 -21.00 10.71
C GLU C 232 13.23 -20.83 9.18
N SER C 233 13.10 -19.59 8.73
CA SER C 233 13.20 -19.29 7.32
C SER C 233 14.63 -19.53 6.83
N GLU C 234 15.63 -19.16 7.63
CA GLU C 234 17.07 -19.43 7.29
C GLU C 234 17.34 -20.89 7.15
N GLN C 235 16.84 -21.70 8.06
CA GLN C 235 17.02 -23.13 7.96
C GLN C 235 16.34 -23.70 6.71
N GLN C 236 15.14 -23.20 6.38
CA GLN C 236 14.40 -23.66 5.20
C GLN C 236 15.17 -23.30 3.94
N LEU C 237 15.65 -22.07 3.94
CA LEU C 237 16.42 -21.55 2.79
C LEU C 237 17.72 -22.31 2.54
N ALA C 238 18.39 -22.70 3.63
CA ALA C 238 19.70 -23.33 3.55
C ALA C 238 19.45 -24.71 2.93
N ALA C 239 18.42 -25.39 3.39
CA ALA C 239 18.16 -26.75 2.84
C ALA C 239 17.78 -26.75 1.36
N LEU C 240 16.94 -25.79 0.99
CA LEU C 240 16.50 -25.59 -0.35
C LEU C 240 17.71 -25.29 -1.24
N ALA C 241 18.58 -24.40 -0.81
CA ALA C 241 19.74 -24.03 -1.62
C ALA C 241 20.63 -25.23 -1.89
N LEU C 242 20.88 -26.00 -0.86
CA LEU C 242 21.72 -27.15 -1.07
C LEU C 242 21.07 -28.15 -2.00
N GLN C 243 19.75 -28.40 -1.85
CA GLN C 243 19.06 -29.27 -2.80
C GLN C 243 19.16 -28.77 -4.24
N ALA C 244 18.97 -27.45 -4.42
CA ALA C 244 19.03 -26.84 -5.75
C ALA C 244 20.46 -27.00 -6.40
N TYR C 245 21.48 -26.83 -5.61
CA TYR C 245 22.85 -26.88 -6.03
C TYR C 245 23.22 -28.35 -6.48
N HIS C 246 22.80 -29.29 -5.65
CA HIS C 246 23.02 -30.72 -5.99
C HIS C 246 22.19 -31.13 -7.11
N ALA C 247 20.99 -30.59 -7.29
CA ALA C 247 20.11 -30.92 -8.42
C ALA C 247 20.79 -30.71 -9.78
N LEU C 248 21.62 -29.64 -9.89
CA LEU C 248 22.27 -29.34 -11.13
C LEU C 248 23.65 -29.94 -11.27
N ASP C 249 24.05 -30.78 -10.32
CA ASP C 249 25.37 -31.51 -10.34
C ASP C 249 26.54 -30.55 -10.05
N CYS C 250 26.24 -29.49 -9.32
CA CYS C 250 27.30 -28.52 -8.92
C CYS C 250 28.25 -29.13 -7.88
N SER C 251 29.46 -28.66 -7.88
CA SER C 251 30.41 -29.07 -6.88
C SER C 251 31.48 -28.08 -6.62
N GLY C 252 32.17 -28.33 -5.51
CA GLY C 252 33.29 -27.50 -5.08
C GLY C 252 32.76 -26.27 -4.33
N TRP C 253 32.17 -25.31 -5.07
CA TRP C 253 31.58 -24.13 -4.44
C TRP C 253 30.68 -23.43 -5.45
N GLY C 254 29.86 -22.47 -4.96
CA GLY C 254 29.01 -21.74 -5.85
C GLY C 254 28.05 -20.90 -5.03
N ARG C 255 27.16 -20.18 -5.70
CA ARG C 255 26.08 -19.54 -4.93
C ARG C 255 24.76 -19.64 -5.63
N VAL C 256 23.71 -19.86 -4.81
CA VAL C 256 22.37 -20.17 -5.25
C VAL C 256 21.54 -18.87 -5.03
N ASP C 257 20.90 -18.41 -6.08
CA ASP C 257 20.05 -17.14 -6.04
C ASP C 257 18.63 -17.52 -5.92
N VAL C 258 17.90 -16.86 -5.00
CA VAL C 258 16.57 -17.25 -4.60
C VAL C 258 15.79 -15.97 -4.33
N MET C 259 14.48 -16.02 -4.54
CA MET C 259 13.60 -14.87 -4.20
C MET C 259 12.36 -15.35 -3.55
N GLN C 260 11.86 -14.54 -2.60
CA GLN C 260 10.55 -14.77 -2.07
C GLN C 260 9.48 -14.13 -2.96
N ASP C 261 8.25 -14.63 -2.81
CA ASP C 261 7.09 -13.96 -3.39
C ASP C 261 6.28 -13.45 -2.22
N ARG C 262 5.19 -12.75 -2.55
CA ARG C 262 4.34 -12.12 -1.54
C ARG C 262 3.94 -13.14 -0.45
N ASP C 263 3.77 -14.39 -0.87
CA ASP C 263 3.38 -15.56 -0.04
C ASP C 263 4.45 -15.88 1.04
N GLY C 264 5.67 -15.32 0.91
CA GLY C 264 6.73 -15.61 1.81
C GLY C 264 7.57 -16.82 1.37
N HIS C 265 7.10 -17.58 0.41
CA HIS C 265 7.77 -18.85 0.03
C HIS C 265 8.95 -18.46 -0.84
N PHE C 266 9.92 -19.36 -0.89
CA PHE C 266 11.15 -19.14 -1.65
C PHE C 266 11.04 -19.77 -3.03
N TYR C 267 11.56 -19.09 -4.03
CA TYR C 267 11.55 -19.62 -5.40
C TYR C 267 12.99 -19.52 -5.95
N LEU C 268 13.46 -20.61 -6.61
CA LEU C 268 14.80 -20.63 -7.18
C LEU C 268 14.98 -19.90 -8.49
N LEU C 269 16.05 -19.10 -8.59
CA LEU C 269 16.38 -18.41 -9.80
C LEU C 269 17.50 -19.05 -10.62
N GLU C 270 18.66 -19.19 -9.99
CA GLU C 270 19.83 -19.72 -10.73
C GLU C 270 20.89 -20.13 -9.77
N VAL C 271 21.92 -20.79 -10.28
CA VAL C 271 23.13 -21.00 -9.57
C VAL C 271 24.31 -20.44 -10.37
N ASN C 272 25.16 -19.72 -9.63
CA ASN C 272 26.40 -19.14 -10.18
C ASN C 272 27.53 -20.02 -9.87
N THR C 273 28.18 -20.58 -10.89
CA THR C 273 29.25 -21.56 -10.68
C THR C 273 30.66 -20.97 -10.69
N SER C 274 30.83 -19.62 -10.87
CA SER C 274 32.16 -19.00 -10.63
C SER C 274 32.05 -17.60 -9.97
N PRO C 275 31.76 -17.60 -8.67
CA PRO C 275 31.28 -16.32 -8.07
C PRO C 275 32.42 -15.30 -7.93
N GLY C 276 31.99 -14.06 -7.84
CA GLY C 276 32.88 -12.98 -7.58
C GLY C 276 33.67 -13.15 -6.30
N MET C 277 34.94 -12.71 -6.31
CA MET C 277 35.82 -12.84 -5.17
C MET C 277 36.60 -11.57 -4.87
N THR C 278 36.00 -10.45 -5.23
CA THR C 278 36.55 -9.17 -4.80
C THR C 278 36.24 -8.92 -3.32
N SER C 279 36.76 -7.81 -2.79
CA SER C 279 36.51 -7.46 -1.37
C SER C 279 35.05 -7.06 -1.12
N HIS C 280 34.39 -6.58 -2.14
CA HIS C 280 33.01 -6.20 -2.05
C HIS C 280 32.09 -7.39 -2.43
N SER C 281 32.62 -8.58 -2.76
CA SER C 281 31.75 -9.61 -3.33
C SER C 281 30.99 -10.41 -2.30
N LEU C 282 29.99 -11.13 -2.81
CA LEU C 282 28.99 -11.85 -1.99
C LEU C 282 29.58 -13.06 -1.27
N VAL C 283 30.36 -13.92 -1.99
CA VAL C 283 30.85 -15.12 -1.30
C VAL C 283 31.79 -14.71 -0.13
N PRO C 284 32.76 -13.77 -0.34
CA PRO C 284 33.63 -13.38 0.76
C PRO C 284 32.79 -12.76 1.90
N MET C 285 31.72 -12.04 1.59
CA MET C 285 30.85 -11.46 2.69
C MET C 285 30.23 -12.57 3.54
N ALA C 286 29.69 -13.58 2.85
CA ALA C 286 29.07 -14.71 3.52
C ALA C 286 30.05 -15.51 4.36
N ALA C 287 31.24 -15.68 3.78
CA ALA C 287 32.32 -16.44 4.41
C ALA C 287 32.77 -15.72 5.71
N ARG C 288 32.86 -14.39 5.68
CA ARG C 288 33.27 -13.62 6.87
C ARG C 288 32.24 -13.81 7.95
N GLN C 289 30.96 -13.68 7.60
CA GLN C 289 29.88 -13.95 8.58
C GLN C 289 29.91 -15.34 9.15
N TYR C 290 30.27 -16.34 8.36
CA TYR C 290 30.39 -17.69 8.79
C TYR C 290 31.62 -17.91 9.69
N GLY C 291 32.63 -17.09 9.54
CA GLY C 291 33.79 -17.04 10.44
C GLY C 291 35.10 -17.39 9.76
N LEU C 292 35.09 -17.46 8.40
CA LEU C 292 36.28 -17.71 7.60
C LEU C 292 36.88 -16.39 7.18
N SER C 293 38.19 -16.33 7.28
CA SER C 293 38.96 -15.27 6.66
C SER C 293 38.96 -15.55 5.11
N PHE C 294 39.33 -14.54 4.36
CA PHE C 294 39.38 -14.65 2.88
C PHE C 294 40.44 -15.67 2.45
N SER C 295 41.56 -15.64 3.17
CA SER C 295 42.58 -16.64 2.95
C SER C 295 42.14 -18.09 3.25
N GLN C 296 41.47 -18.28 4.37
CA GLN C 296 40.87 -19.58 4.66
C GLN C 296 39.88 -20.01 3.59
N LEU C 297 39.02 -19.08 3.16
CA LEU C 297 38.07 -19.34 2.09
C LEU C 297 38.68 -19.91 0.79
N VAL C 298 39.72 -19.21 0.30
CA VAL C 298 40.35 -19.61 -0.95
C VAL C 298 41.11 -20.91 -0.77
N ALA C 299 41.73 -21.06 0.38
CA ALA C 299 42.40 -22.33 0.64
C ALA C 299 41.43 -23.47 0.67
N ARG C 300 40.25 -23.27 1.23
CA ARG C 300 39.28 -24.36 1.26
C ARG C 300 38.73 -24.71 -0.13
N ILE C 301 38.34 -23.67 -0.90
CA ILE C 301 37.92 -23.92 -2.28
C ILE C 301 38.94 -24.69 -3.04
N LEU C 302 40.23 -24.37 -2.89
CA LEU C 302 41.26 -25.14 -3.56
C LEU C 302 41.39 -26.59 -3.09
N MET C 303 41.24 -26.81 -1.80
CA MET C 303 41.32 -28.19 -1.26
C MET C 303 40.19 -29.05 -1.83
N LEU C 304 39.06 -28.42 -2.14
CA LEU C 304 37.92 -29.06 -2.74
C LEU C 304 38.10 -29.47 -4.20
N ALA C 305 39.15 -29.01 -4.84
CA ALA C 305 39.41 -29.37 -6.16
C ALA C 305 40.20 -30.66 -6.12
N ASP C 306 39.76 -31.64 -6.84
CA ASP C 306 40.61 -32.81 -6.89
C ASP C 306 40.45 -33.51 -8.22
N MET D 1 -15.26 18.82 43.89
CA MET D 1 -16.42 18.98 42.95
C MET D 1 -17.01 17.64 42.52
N ALA D 2 -18.21 17.36 42.98
CA ALA D 2 -18.91 16.14 42.57
C ALA D 2 -19.24 16.26 41.09
N GLU D 3 -19.27 15.12 40.41
CA GLU D 3 -19.71 15.09 39.00
C GLU D 3 -21.14 15.53 38.87
N LYS D 4 -21.41 16.27 37.81
CA LYS D 4 -22.70 16.76 37.45
C LYS D 4 -23.27 15.89 36.32
N VAL D 5 -24.40 15.25 36.57
CA VAL D 5 -24.93 14.23 35.68
C VAL D 5 -26.22 14.74 35.06
N ALA D 6 -26.34 14.64 33.74
CA ALA D 6 -27.58 14.91 33.06
C ALA D 6 -28.38 13.66 32.84
N VAL D 7 -29.66 13.73 33.13
CA VAL D 7 -30.57 12.64 32.86
C VAL D 7 -31.40 13.14 31.66
N LEU D 8 -31.11 12.58 30.49
CA LEU D 8 -31.81 12.98 29.27
C LEU D 8 -33.09 12.28 29.16
N LEU D 9 -34.17 13.05 28.94
CA LEU D 9 -35.52 12.52 29.09
C LEU D 9 -36.49 13.31 28.21
N GLY D 10 -37.59 12.65 27.93
CA GLY D 10 -38.67 13.25 27.11
C GLY D 10 -38.42 13.19 25.62
N GLY D 11 -37.73 14.18 25.11
CA GLY D 11 -37.39 14.27 23.72
C GLY D 11 -38.60 14.41 22.81
N THR D 12 -38.46 13.95 21.58
CA THR D 12 -39.48 14.20 20.53
C THR D 12 -40.02 12.96 19.83
N SER D 13 -39.61 11.76 20.21
CA SER D 13 -40.09 10.56 19.62
C SER D 13 -41.50 10.27 20.09
N ALA D 14 -42.11 9.31 19.40
CA ALA D 14 -43.45 8.78 19.77
C ALA D 14 -43.49 8.35 21.21
N GLU D 15 -42.34 7.91 21.74
CA GLU D 15 -42.26 7.40 23.12
C GLU D 15 -42.05 8.47 24.16
N ARG D 16 -42.24 9.72 23.83
CA ARG D 16 -41.94 10.81 24.73
C ARG D 16 -42.58 10.71 26.11
N GLU D 17 -43.85 10.27 26.16
CA GLU D 17 -44.57 10.28 27.42
C GLU D 17 -43.97 9.26 28.37
N VAL D 18 -43.66 8.08 27.81
CA VAL D 18 -42.98 7.00 28.52
C VAL D 18 -41.61 7.46 28.99
N SER D 19 -40.88 8.12 28.09
CA SER D 19 -39.53 8.62 28.43
C SER D 19 -39.59 9.65 29.55
N LEU D 20 -40.58 10.55 29.57
CA LEU D 20 -40.70 11.42 30.74
C LEU D 20 -40.78 10.69 32.08
N LEU D 21 -41.56 9.59 32.12
CA LEU D 21 -41.73 8.79 33.29
C LEU D 21 -40.42 8.09 33.64
N SER D 22 -39.78 7.50 32.63
CA SER D 22 -38.47 6.81 32.84
C SER D 22 -37.48 7.79 33.46
N GLY D 23 -37.33 8.94 32.85
CA GLY D 23 -36.42 10.02 33.26
C GLY D 23 -36.68 10.52 34.66
N GLN D 24 -37.96 10.76 34.98
CA GLN D 24 -38.38 11.19 36.33
C GLN D 24 -37.93 10.19 37.36
N ALA D 25 -38.14 8.90 37.08
CA ALA D 25 -37.78 7.86 37.96
C ALA D 25 -36.27 7.79 38.13
N VAL D 26 -35.60 7.68 36.99
CA VAL D 26 -34.10 7.71 37.01
C VAL D 26 -33.51 8.87 37.80
N LEU D 27 -33.97 10.10 37.59
CA LEU D 27 -33.49 11.23 38.26
C LEU D 27 -33.61 11.06 39.79
N ALA D 28 -34.79 10.57 40.23
CA ALA D 28 -35.06 10.39 41.70
C ALA D 28 -34.14 9.34 42.30
N GLY D 29 -33.97 8.24 41.59
CA GLY D 29 -33.13 7.15 42.02
C GLY D 29 -31.68 7.59 42.15
N LEU D 30 -31.14 8.35 41.17
CA LEU D 30 -29.73 8.82 41.17
C LEU D 30 -29.51 9.76 42.38
N LYS D 31 -30.40 10.73 42.55
CA LYS D 31 -30.29 11.64 43.69
C LYS D 31 -30.34 10.89 45.04
N GLU D 32 -31.16 9.84 45.13
CA GLU D 32 -31.31 8.97 46.30
C GLU D 32 -29.99 8.31 46.62
N ALA D 33 -29.17 8.03 45.59
CA ALA D 33 -27.86 7.40 45.74
C ALA D 33 -26.72 8.39 46.03
N GLY D 34 -27.00 9.67 46.05
CA GLY D 34 -26.00 10.68 46.30
C GLY D 34 -25.33 11.30 45.10
N ILE D 35 -25.91 11.07 43.93
CA ILE D 35 -25.43 11.62 42.66
C ILE D 35 -26.06 12.96 42.40
N ASP D 36 -25.24 13.91 41.95
CA ASP D 36 -25.68 15.25 41.60
C ASP D 36 -26.25 15.27 40.15
N ALA D 37 -27.47 14.78 40.03
CA ALA D 37 -28.15 14.62 38.76
C ALA D 37 -29.22 15.67 38.56
N TYR D 38 -29.44 16.03 37.31
CA TYR D 38 -30.44 16.99 36.83
C TYR D 38 -31.21 16.42 35.68
N GLY D 39 -32.51 16.69 35.64
CA GLY D 39 -33.34 16.30 34.49
C GLY D 39 -33.19 17.27 33.38
N VAL D 40 -33.05 16.75 32.15
CA VAL D 40 -32.86 17.56 30.92
C VAL D 40 -33.84 17.03 29.88
N ASP D 41 -34.91 17.81 29.64
CA ASP D 41 -35.90 17.44 28.63
C ASP D 41 -35.32 17.88 27.30
N THR D 42 -34.97 16.91 26.46
CA THR D 42 -34.30 17.26 25.24
C THR D 42 -35.20 17.83 24.17
N LYS D 43 -36.50 17.88 24.44
CA LYS D 43 -37.37 18.71 23.57
C LYS D 43 -37.03 20.20 23.69
N ASP D 44 -36.65 20.66 24.86
CA ASP D 44 -36.34 22.07 25.12
C ASP D 44 -34.89 22.36 25.17
N PHE D 45 -34.03 21.38 25.46
CA PHE D 45 -32.63 21.73 25.68
C PHE D 45 -31.83 20.91 24.63
N PRO D 46 -31.00 21.56 23.81
CA PRO D 46 -30.25 20.80 22.77
C PRO D 46 -29.09 20.01 23.36
N VAL D 47 -29.03 18.73 23.06
CA VAL D 47 -28.04 17.84 23.60
C VAL D 47 -26.67 18.30 23.21
N THR D 48 -26.54 19.02 22.10
CA THR D 48 -25.20 19.59 21.74
C THR D 48 -24.54 20.58 22.72
N GLN D 49 -25.32 21.14 23.64
CA GLN D 49 -24.78 22.09 24.60
C GLN D 49 -24.49 21.50 25.99
N LEU D 50 -24.55 20.19 26.15
CA LEU D 50 -24.45 19.58 27.48
C LEU D 50 -23.12 19.90 28.11
N LYS D 51 -22.05 19.79 27.34
CA LYS D 51 -20.71 20.11 27.88
C LYS D 51 -20.58 21.60 28.20
N GLU D 52 -21.13 22.50 27.36
CA GLU D 52 -21.14 23.95 27.65
C GLU D 52 -21.82 24.25 28.97
N GLN D 53 -22.85 23.47 29.30
CA GLN D 53 -23.66 23.62 30.50
C GLN D 53 -23.03 22.99 31.78
N GLY D 54 -21.86 22.38 31.64
CA GLY D 54 -21.11 21.86 32.77
C GLY D 54 -21.34 20.45 33.15
N PHE D 55 -22.04 19.72 32.32
CA PHE D 55 -22.25 18.33 32.60
C PHE D 55 -21.03 17.47 32.30
N ASP D 56 -20.82 16.52 33.18
CA ASP D 56 -19.71 15.59 33.10
C ASP D 56 -20.04 14.21 32.53
N LYS D 57 -21.26 13.76 32.75
CA LYS D 57 -21.67 12.41 32.40
C LYS D 57 -23.18 12.46 32.12
N VAL D 58 -23.67 11.49 31.33
CA VAL D 58 -25.05 11.48 30.89
C VAL D 58 -25.70 10.10 31.10
N PHE D 59 -26.90 10.08 31.70
CA PHE D 59 -27.76 8.91 31.77
C PHE D 59 -28.81 9.09 30.67
N ILE D 60 -28.91 8.17 29.76
CA ILE D 60 -29.85 8.35 28.66
C ILE D 60 -31.09 7.66 29.07
N ALA D 61 -32.18 8.42 29.27
CA ALA D 61 -33.48 7.78 29.59
C ALA D 61 -34.51 8.08 28.44
N LEU D 62 -34.01 8.35 27.23
CA LEU D 62 -34.84 8.52 26.00
C LEU D 62 -35.14 7.19 25.37
N HIS D 63 -36.23 7.06 24.59
CA HIS D 63 -36.60 5.79 23.95
C HIS D 63 -36.92 6.16 22.51
N GLY D 64 -36.77 5.17 21.61
CA GLY D 64 -37.15 5.32 20.23
C GLY D 64 -36.20 6.24 19.48
N ARG D 65 -36.71 6.83 18.42
CA ARG D 65 -35.93 7.59 17.51
C ARG D 65 -35.21 8.72 18.19
N GLY D 66 -33.93 8.82 17.90
CA GLY D 66 -33.05 9.86 18.49
C GLY D 66 -32.61 9.59 19.94
N GLY D 67 -32.98 8.43 20.46
CA GLY D 67 -32.66 8.06 21.79
C GLY D 67 -31.83 6.78 21.88
N GLU D 68 -32.29 5.77 21.18
CA GLU D 68 -31.73 4.43 21.36
C GLU D 68 -31.12 3.88 20.07
N ASP D 69 -30.96 4.76 19.08
CA ASP D 69 -30.69 4.33 17.71
C ASP D 69 -29.28 4.75 17.17
N GLY D 70 -28.41 5.25 18.05
CA GLY D 70 -27.06 5.70 17.63
C GLY D 70 -26.82 7.16 17.39
N THR D 71 -27.89 7.93 17.10
CA THR D 71 -27.78 9.33 16.72
C THR D 71 -27.31 10.13 17.95
N LEU D 72 -28.03 9.99 19.08
CA LEU D 72 -27.63 10.63 20.32
C LEU D 72 -26.24 10.19 20.78
N GLN D 73 -25.98 8.94 20.66
CA GLN D 73 -24.69 8.37 21.04
C GLN D 73 -23.58 9.00 20.24
N GLY D 74 -23.82 9.26 18.93
CA GLY D 74 -22.84 9.97 18.11
C GLY D 74 -22.56 11.36 18.63
N VAL D 75 -23.64 12.09 19.01
CA VAL D 75 -23.41 13.44 19.56
C VAL D 75 -22.55 13.40 20.86
N LEU D 76 -22.80 12.44 21.72
CA LEU D 76 -22.13 12.34 23.03
C LEU D 76 -20.68 11.84 22.82
N GLU D 77 -20.46 10.99 21.81
CA GLU D 77 -19.13 10.64 21.42
C GLU D 77 -18.35 11.87 20.93
N PHE D 78 -18.96 12.74 20.09
CA PHE D 78 -18.32 13.94 19.63
C PHE D 78 -17.95 14.85 20.82
N LEU D 79 -18.86 15.02 21.75
CA LEU D 79 -18.64 15.88 22.94
C LEU D 79 -17.67 15.23 23.90
N GLN D 80 -17.37 13.94 23.74
CA GLN D 80 -16.50 13.17 24.62
C GLN D 80 -17.09 13.10 26.05
N LEU D 81 -18.40 12.99 26.16
CA LEU D 81 -19.07 12.81 27.41
C LEU D 81 -19.38 11.35 27.61
N PRO D 82 -18.98 10.78 28.72
CA PRO D 82 -19.38 9.42 29.00
C PRO D 82 -20.89 9.31 29.16
N TYR D 83 -21.43 8.20 28.77
CA TYR D 83 -22.87 7.98 28.77
C TYR D 83 -23.24 6.58 28.99
N THR D 84 -24.48 6.39 29.42
CA THR D 84 -24.97 5.06 29.72
C THR D 84 -25.36 4.29 28.45
N GLY D 85 -25.42 2.99 28.62
CA GLY D 85 -25.84 2.14 27.58
C GLY D 85 -24.82 1.99 26.43
N SER D 86 -25.31 1.36 25.38
CA SER D 86 -24.51 0.88 24.28
C SER D 86 -24.04 2.06 23.39
N GLY D 87 -22.93 1.79 22.73
CA GLY D 87 -22.36 2.82 21.87
C GLY D 87 -23.09 2.97 20.53
N VAL D 88 -22.44 3.70 19.62
CA VAL D 88 -23.03 4.07 18.31
C VAL D 88 -23.45 2.86 17.50
N MET D 89 -22.49 1.98 17.17
CA MET D 89 -22.81 0.84 16.35
C MET D 89 -23.90 -0.05 16.91
N ALA D 90 -23.73 -0.52 18.17
CA ALA D 90 -24.73 -1.44 18.78
C ALA D 90 -26.09 -0.79 18.88
N SER D 91 -26.11 0.49 19.20
CA SER D 91 -27.39 1.20 19.35
C SER D 91 -28.17 1.20 18.02
N ALA D 92 -27.43 1.44 16.93
CA ALA D 92 -28.01 1.47 15.58
C ALA D 92 -28.32 0.08 15.10
N LEU D 93 -27.41 -0.86 15.29
CA LEU D 93 -27.59 -2.23 14.80
C LEU D 93 -28.81 -2.91 15.37
N THR D 94 -29.03 -2.65 16.62
CA THR D 94 -30.17 -3.25 17.34
C THR D 94 -31.54 -2.77 16.87
N MET D 95 -31.59 -1.70 16.11
CA MET D 95 -32.81 -1.26 15.40
C MET D 95 -33.13 -2.08 14.16
N ASP D 96 -32.16 -2.80 13.63
CA ASP D 96 -32.24 -3.41 12.31
C ASP D 96 -32.47 -4.85 12.54
N LYS D 97 -33.73 -5.32 12.43
CA LYS D 97 -34.00 -6.69 12.74
C LYS D 97 -33.32 -7.64 11.78
N LEU D 98 -33.20 -7.27 10.49
CA LEU D 98 -32.47 -8.07 9.58
C LEU D 98 -30.99 -8.27 9.90
N ARG D 99 -30.23 -7.19 10.10
CA ARG D 99 -28.80 -7.33 10.25
C ARG D 99 -28.51 -7.92 11.62
N THR D 100 -29.39 -7.67 12.64
CA THR D 100 -29.31 -8.37 13.94
C THR D 100 -29.37 -9.86 13.71
N LYS D 101 -30.35 -10.30 12.92
CA LYS D 101 -30.56 -11.70 12.63
C LYS D 101 -29.40 -12.34 11.93
N LEU D 102 -28.83 -11.58 11.02
CA LEU D 102 -27.69 -12.08 10.24
C LEU D 102 -26.49 -12.28 11.11
N VAL D 103 -26.17 -11.32 12.01
CA VAL D 103 -25.07 -11.48 12.90
C VAL D 103 -25.26 -12.73 13.78
N TRP D 104 -26.46 -12.84 14.34
CA TRP D 104 -26.75 -13.98 15.22
C TRP D 104 -26.65 -15.26 14.45
N GLN D 105 -27.16 -15.31 13.27
CA GLN D 105 -27.11 -16.50 12.43
C GLN D 105 -25.73 -16.94 12.17
N ALA D 106 -24.85 -15.98 11.82
CA ALA D 106 -23.49 -16.42 11.52
C ALA D 106 -22.71 -16.95 12.66
N LEU D 107 -23.07 -16.52 13.88
CA LEU D 107 -22.50 -17.01 15.08
C LEU D 107 -23.15 -18.34 15.55
N GLY D 108 -24.11 -18.82 14.83
CA GLY D 108 -24.74 -20.10 15.24
C GLY D 108 -25.74 -19.91 16.42
N LEU D 109 -26.15 -18.67 16.68
CA LEU D 109 -27.19 -18.33 17.69
C LEU D 109 -28.58 -18.58 17.15
N PRO D 110 -29.49 -19.11 17.99
CA PRO D 110 -30.82 -19.53 17.52
C PRO D 110 -31.78 -18.40 17.11
N ILE D 111 -32.24 -18.40 15.86
CA ILE D 111 -33.26 -17.49 15.41
C ILE D 111 -34.32 -18.27 14.60
N SER D 112 -35.50 -17.74 14.55
CA SER D 112 -36.57 -18.36 13.79
C SER D 112 -36.19 -18.45 12.32
N PRO D 113 -36.44 -19.61 11.68
CA PRO D 113 -36.33 -19.78 10.24
C PRO D 113 -37.03 -18.62 9.56
N TYR D 114 -36.39 -18.00 8.56
CA TYR D 114 -36.98 -16.87 7.97
C TYR D 114 -36.48 -16.65 6.53
N VAL D 115 -37.10 -15.70 5.89
CA VAL D 115 -36.76 -15.36 4.51
C VAL D 115 -36.82 -13.86 4.49
N ALA D 116 -35.73 -13.29 4.00
CA ALA D 116 -35.69 -11.86 3.81
C ALA D 116 -35.95 -11.48 2.33
N LEU D 117 -36.84 -10.52 2.14
CA LEU D 117 -37.16 -9.87 0.88
C LEU D 117 -36.74 -8.37 0.85
N ASN D 118 -35.94 -7.99 -0.18
CA ASN D 118 -35.69 -6.59 -0.53
C ASN D 118 -36.73 -6.11 -1.57
N ARG D 119 -36.75 -4.82 -1.89
CA ARG D 119 -37.85 -4.31 -2.71
C ARG D 119 -37.81 -4.69 -4.17
N GLN D 120 -36.60 -4.77 -4.71
CA GLN D 120 -36.38 -5.28 -6.05
C GLN D 120 -37.29 -6.53 -6.19
N GLN D 121 -37.20 -7.43 -5.21
CA GLN D 121 -37.96 -8.68 -5.17
C GLN D 121 -39.48 -8.50 -5.09
N PHE D 122 -39.97 -7.66 -4.19
CA PHE D 122 -41.41 -7.49 -4.00
C PHE D 122 -42.01 -7.11 -5.31
N GLU D 123 -41.44 -6.08 -5.94
CA GLU D 123 -42.07 -5.44 -7.10
C GLU D 123 -41.88 -6.30 -8.39
N THR D 124 -40.72 -6.96 -8.57
CA THR D 124 -40.54 -8.02 -9.59
C THR D 124 -41.59 -9.13 -9.40
N LEU D 125 -41.50 -9.85 -8.29
CA LEU D 125 -42.18 -11.15 -8.13
C LEU D 125 -43.72 -11.08 -7.97
N SER D 126 -44.39 -12.06 -8.57
CA SER D 126 -45.86 -12.12 -8.55
C SER D 126 -46.36 -12.70 -7.22
N PRO D 127 -47.63 -12.45 -6.86
CA PRO D 127 -48.13 -12.94 -5.56
C PRO D 127 -47.90 -14.45 -5.32
N GLU D 128 -48.06 -15.25 -6.38
CA GLU D 128 -47.86 -16.69 -6.27
C GLU D 128 -46.38 -17.01 -6.08
N GLU D 129 -45.49 -16.32 -6.78
CA GLU D 129 -44.04 -16.57 -6.59
C GLU D 129 -43.59 -16.25 -5.15
N LEU D 130 -44.25 -15.27 -4.54
CA LEU D 130 -43.88 -14.82 -3.18
C LEU D 130 -44.38 -15.84 -2.14
N VAL D 131 -45.62 -16.35 -2.34
CA VAL D 131 -46.06 -17.55 -1.62
C VAL D 131 -45.05 -18.67 -1.72
N ALA D 132 -44.59 -18.94 -2.94
CA ALA D 132 -43.61 -19.99 -3.12
C ALA D 132 -42.22 -19.69 -2.46
N CYS D 133 -41.82 -18.41 -2.39
CA CYS D 133 -40.54 -18.01 -1.75
C CYS D 133 -40.49 -18.48 -0.27
N VAL D 134 -41.63 -18.34 0.38
CA VAL D 134 -41.75 -18.63 1.80
C VAL D 134 -42.40 -19.97 2.14
N ALA D 135 -42.61 -20.83 1.14
CA ALA D 135 -43.26 -22.14 1.31
C ALA D 135 -42.61 -22.95 2.37
N LYS D 136 -41.29 -23.02 2.31
CA LYS D 136 -40.48 -23.82 3.22
C LYS D 136 -40.62 -23.37 4.70
N LEU D 137 -41.19 -22.20 4.96
CA LEU D 137 -41.39 -21.78 6.35
C LEU D 137 -42.70 -22.37 6.97
N GLY D 138 -43.58 -22.94 6.15
CA GLY D 138 -44.91 -23.34 6.62
C GLY D 138 -45.85 -22.25 7.01
N LEU D 139 -46.85 -22.62 7.82
CA LEU D 139 -47.79 -21.65 8.32
C LEU D 139 -48.06 -21.98 9.76
N PRO D 140 -48.35 -21.00 10.58
CA PRO D 140 -48.52 -19.55 10.33
C PRO D 140 -47.15 -18.80 10.29
N LEU D 141 -47.22 -17.51 9.96
CA LEU D 141 -45.99 -16.65 9.69
C LEU D 141 -46.20 -15.36 10.34
N ILE D 142 -45.06 -14.65 10.63
CA ILE D 142 -45.15 -13.25 10.98
C ILE D 142 -44.44 -12.50 9.82
N VAL D 143 -45.06 -11.40 9.44
CA VAL D 143 -44.49 -10.46 8.46
C VAL D 143 -44.23 -9.15 9.19
N LYS D 144 -43.01 -8.65 9.06
CA LYS D 144 -42.68 -7.41 9.70
C LYS D 144 -41.66 -6.58 8.89
N PRO D 145 -41.76 -5.27 9.07
CA PRO D 145 -40.71 -4.36 8.57
C PRO D 145 -39.36 -4.70 9.30
N SER D 146 -38.22 -4.61 8.62
CA SER D 146 -36.93 -4.73 9.28
C SER D 146 -36.62 -3.68 10.33
N HIS D 147 -37.13 -2.46 10.17
CA HIS D 147 -37.10 -1.52 11.26
C HIS D 147 -38.56 -1.26 11.73
N GLU D 148 -38.74 -1.14 13.01
CA GLU D 148 -39.98 -0.75 13.69
C GLU D 148 -41.14 -1.73 13.36
N SER D 150 -42.56 -3.42 15.49
CA SER D 150 -43.36 -3.44 16.73
C SER D 150 -44.36 -2.31 16.67
N SER D 151 -43.93 -1.21 16.04
CA SER D 151 -44.82 -0.14 15.66
C SER D 151 -45.83 -0.69 14.62
N VAL D 152 -46.09 0.12 13.62
CA VAL D 152 -46.76 -0.36 12.45
C VAL D 152 -46.10 -1.57 11.74
N GLY D 153 -46.94 -2.22 10.90
CA GLY D 153 -46.45 -2.96 9.73
C GLY D 153 -46.38 -4.48 9.91
N MET D 154 -46.69 -4.95 11.11
CA MET D 154 -46.59 -6.39 11.39
C MET D 154 -47.91 -7.14 11.14
N SER D 155 -47.79 -8.30 10.51
CA SER D 155 -48.97 -9.18 10.46
C SER D 155 -48.65 -10.57 10.85
N LYS D 156 -49.70 -11.27 11.34
CA LYS D 156 -49.77 -12.73 11.42
C LYS D 156 -50.60 -13.27 10.24
N VAL D 157 -49.95 -14.14 9.49
CA VAL D 157 -50.44 -14.73 8.27
C VAL D 157 -50.73 -16.21 8.59
N ASP D 158 -52.03 -16.54 8.50
CA ASP D 158 -52.56 -17.91 8.79
C ASP D 158 -52.79 -18.75 7.53
N HIS D 159 -53.02 -18.12 6.40
CA HIS D 159 -53.13 -18.85 5.12
C HIS D 159 -52.37 -18.13 4.04
N ALA D 160 -51.83 -18.88 3.06
CA ALA D 160 -51.00 -18.29 2.02
C ALA D 160 -51.67 -17.11 1.34
N SER D 161 -52.97 -17.19 1.17
CA SER D 161 -53.71 -16.12 0.52
C SER D 161 -53.70 -14.79 1.30
N GLU D 162 -53.22 -14.77 2.56
CA GLU D 162 -53.28 -13.54 3.38
C GLU D 162 -51.95 -12.78 3.32
N LEU D 163 -50.98 -13.39 2.64
CA LEU D 163 -49.60 -12.99 2.67
C LEU D 163 -49.45 -11.70 1.90
N GLN D 164 -50.09 -11.62 0.72
CA GLN D 164 -49.89 -10.44 -0.13
C GLN D 164 -50.24 -9.16 0.61
N LYS D 165 -51.42 -9.17 1.18
CA LYS D 165 -51.94 -8.09 1.99
C LYS D 165 -50.90 -7.70 3.07
N ALA D 166 -50.30 -8.71 3.72
CA ALA D 166 -49.31 -8.47 4.79
C ALA D 166 -48.02 -7.84 4.24
N LEU D 167 -47.55 -8.32 3.11
CA LEU D 167 -46.35 -7.82 2.48
C LEU D 167 -46.56 -6.35 2.06
N VAL D 168 -47.77 -6.00 1.70
CA VAL D 168 -48.10 -4.64 1.32
C VAL D 168 -48.13 -3.75 2.55
N GLU D 169 -48.63 -4.26 3.67
CA GLU D 169 -48.68 -3.44 4.86
C GLU D 169 -47.24 -3.21 5.36
N ALA D 170 -46.39 -4.25 5.30
CA ALA D 170 -44.98 -4.15 5.75
C ALA D 170 -44.17 -3.23 4.86
N PHE D 171 -44.39 -3.29 3.56
CA PHE D 171 -43.55 -2.54 2.61
C PHE D 171 -43.96 -1.04 2.55
N GLN D 172 -45.03 -0.64 3.23
CA GLN D 172 -45.30 0.79 3.46
C GLN D 172 -44.20 1.41 4.32
N HIS D 173 -43.40 0.57 5.01
CA HIS D 173 -42.60 1.07 6.11
C HIS D 173 -41.12 0.84 5.98
N ASP D 174 -40.68 0.04 5.02
CA ASP D 174 -39.29 -0.28 4.95
C ASP D 174 -39.05 -1.06 3.68
N SER D 175 -37.81 -1.13 3.25
CA SER D 175 -37.43 -1.83 2.04
C SER D 175 -36.65 -3.17 2.29
N ASP D 176 -36.48 -3.57 3.55
CA ASP D 176 -36.08 -4.94 3.91
C ASP D 176 -37.31 -5.44 4.77
N VAL D 177 -37.92 -6.59 4.44
CA VAL D 177 -39.19 -6.97 5.15
C VAL D 177 -38.88 -8.39 5.59
N LEU D 178 -39.38 -8.83 6.75
CA LEU D 178 -38.99 -10.17 7.15
C LEU D 178 -40.26 -11.02 7.22
N ILE D 179 -40.09 -12.25 6.77
CA ILE D 179 -41.14 -13.31 6.96
C ILE D 179 -40.55 -14.47 7.76
N GLU D 180 -41.16 -14.77 8.93
CA GLU D 180 -40.54 -15.71 9.84
C GLU D 180 -41.59 -16.83 10.18
N LYS D 181 -41.10 -17.97 10.45
CA LYS D 181 -41.92 -18.96 11.15
C LYS D 181 -42.45 -18.41 12.46
N TRP D 182 -43.76 -18.59 12.70
CA TRP D 182 -44.41 -18.25 13.94
C TRP D 182 -43.84 -19.12 15.05
N LEU D 183 -43.44 -18.49 16.13
CA LEU D 183 -42.98 -19.21 17.32
C LEU D 183 -44.15 -19.31 18.30
N SER D 184 -44.34 -20.46 18.90
CA SER D 184 -45.45 -20.57 19.88
C SER D 184 -45.35 -19.79 21.19
N GLY D 185 -44.14 -19.47 21.68
CA GLY D 185 -44.09 -18.89 23.00
C GLY D 185 -43.91 -20.00 24.03
N PRO D 186 -43.72 -19.64 25.28
CA PRO D 186 -43.87 -18.33 25.80
C PRO D 186 -42.70 -17.36 25.41
N GLU D 187 -42.98 -16.13 25.70
CA GLU D 187 -42.07 -15.01 25.46
C GLU D 187 -41.45 -14.57 26.75
N PHE D 188 -40.14 -14.26 26.70
CA PHE D 188 -39.44 -13.84 27.89
C PHE D 188 -38.56 -12.63 27.59
N THR D 189 -38.20 -11.92 28.64
CA THR D 189 -37.20 -10.84 28.54
C THR D 189 -36.18 -10.94 29.62
N VAL D 190 -34.91 -10.68 29.28
CA VAL D 190 -33.82 -10.88 30.14
C VAL D 190 -33.04 -9.55 30.17
N ALA D 191 -33.14 -8.85 31.28
CA ALA D 191 -32.39 -7.63 31.56
C ALA D 191 -30.91 -7.92 31.83
N ILE D 192 -30.03 -7.08 31.28
CA ILE D 192 -28.57 -7.25 31.46
C ILE D 192 -28.04 -5.96 32.02
N LEU D 193 -27.26 -6.09 33.08
CA LEU D 193 -26.66 -4.97 33.73
C LEU D 193 -25.11 -5.23 33.75
N GLY D 194 -24.34 -4.57 32.93
CA GLY D 194 -22.92 -4.90 32.87
C GLY D 194 -22.67 -6.35 32.44
N ASP D 195 -22.03 -7.14 33.28
CA ASP D 195 -21.78 -8.55 32.99
C ASP D 195 -22.90 -9.46 33.49
N GLU D 196 -23.77 -8.90 34.35
CA GLU D 196 -24.72 -9.64 35.22
C GLU D 196 -26.06 -9.75 34.46
N VAL D 197 -26.63 -10.94 34.38
CA VAL D 197 -27.96 -11.19 33.86
C VAL D 197 -28.94 -11.18 35.04
N LEU D 198 -30.02 -10.43 34.91
CA LEU D 198 -31.03 -10.34 35.97
C LEU D 198 -32.06 -11.41 35.73
N PRO D 199 -32.92 -11.67 36.75
CA PRO D 199 -33.93 -12.74 36.56
C PRO D 199 -34.86 -12.53 35.37
N SER D 200 -35.15 -13.59 34.64
CA SER D 200 -35.98 -13.50 33.45
C SER D 200 -37.42 -13.22 33.82
N ILE D 201 -38.15 -12.61 32.88
CA ILE D 201 -39.57 -12.28 33.04
C ILE D 201 -40.29 -12.91 31.92
N ARG D 202 -41.40 -13.62 32.24
CA ARG D 202 -42.26 -14.16 31.22
C ARG D 202 -43.33 -13.12 30.98
N ILE D 203 -43.59 -12.87 29.69
CA ILE D 203 -44.46 -11.84 29.18
C ILE D 203 -45.65 -12.45 28.45
N GLN D 204 -46.86 -12.06 28.85
CA GLN D 204 -48.09 -12.58 28.22
C GLN D 204 -48.83 -11.41 27.64
N PRO D 205 -48.73 -11.21 26.34
CA PRO D 205 -49.39 -10.04 25.86
C PRO D 205 -50.91 -10.34 25.74
N PRO D 206 -51.75 -9.27 25.68
CA PRO D 206 -53.20 -9.47 25.42
C PRO D 206 -53.51 -10.19 24.09
N GLY D 207 -52.78 -9.87 23.01
CA GLY D 207 -52.97 -10.54 21.72
C GLY D 207 -51.69 -11.13 21.16
N VAL D 208 -51.58 -11.09 19.85
CA VAL D 208 -50.59 -11.83 19.10
C VAL D 208 -49.17 -11.25 19.27
N PHE D 209 -49.07 -9.92 19.42
CA PHE D 209 -47.74 -9.25 19.51
C PHE D 209 -47.51 -8.55 20.85
N TYR D 210 -46.28 -8.63 21.35
CA TYR D 210 -45.89 -7.72 22.42
C TYR D 210 -45.43 -6.40 21.74
N ASP D 211 -46.30 -5.37 21.70
CA ASP D 211 -46.04 -4.28 20.71
C ASP D 211 -46.15 -2.76 21.02
N TYR D 212 -46.71 -2.35 22.18
CA TYR D 212 -46.73 -0.89 22.68
C TYR D 212 -47.96 -0.63 23.51
N ASP D 213 -49.10 -1.02 22.92
CA ASP D 213 -50.38 -1.04 23.56
C ASP D 213 -50.12 -2.05 24.63
N ALA D 214 -49.48 -3.16 24.21
CA ALA D 214 -48.96 -4.14 25.14
C ALA D 214 -47.83 -3.49 25.94
N LYS D 215 -46.73 -3.03 25.30
CA LYS D 215 -45.67 -2.34 26.06
C LYS D 215 -46.25 -1.10 26.70
N SER D 218 -52.78 -1.81 26.74
CA SER D 218 -53.80 -2.57 27.45
C SER D 218 -53.66 -2.38 28.96
N ASP D 219 -54.44 -3.11 29.76
CA ASP D 219 -54.07 -3.54 31.13
C ASP D 219 -54.46 -5.03 31.29
N LYS D 220 -54.25 -5.76 30.20
CA LYS D 220 -54.40 -7.20 30.16
C LYS D 220 -53.00 -7.85 30.11
N THR D 221 -52.03 -7.13 29.54
CA THR D 221 -50.62 -7.51 29.55
C THR D 221 -50.25 -7.98 30.93
N GLN D 222 -49.76 -9.22 31.08
CA GLN D 222 -49.33 -9.74 32.37
C GLN D 222 -47.80 -10.09 32.36
N TYR D 223 -47.11 -9.87 33.49
CA TYR D 223 -45.67 -10.24 33.62
C TYR D 223 -45.49 -11.18 34.76
N PHE D 224 -44.65 -12.17 34.58
CA PHE D 224 -44.41 -13.14 35.63
C PHE D 224 -42.92 -13.21 35.93
N CYS D 225 -42.58 -12.98 37.20
CA CYS D 225 -41.20 -13.09 37.64
C CYS D 225 -41.28 -13.58 39.09
N PRO D 226 -40.86 -14.83 39.38
CA PRO D 226 -40.21 -15.87 38.55
C PRO D 226 -40.93 -16.17 37.23
N SER D 227 -40.16 -16.58 36.22
CA SER D 227 -40.73 -16.80 34.91
C SER D 227 -41.40 -18.17 34.77
N GLY D 228 -41.07 -19.07 35.70
CA GLY D 228 -41.58 -20.45 35.63
C GLY D 228 -40.60 -21.40 35.05
N LEU D 229 -39.46 -20.89 34.54
CA LEU D 229 -38.42 -21.77 34.07
C LEU D 229 -37.69 -22.41 35.24
N SER D 230 -37.13 -23.58 34.97
CA SER D 230 -36.29 -24.28 35.93
C SER D 230 -34.97 -23.58 36.07
N ASP D 231 -34.22 -23.95 37.10
CA ASP D 231 -32.93 -23.31 37.35
C ASP D 231 -32.00 -23.54 36.17
N GLU D 232 -32.08 -24.76 35.64
CA GLU D 232 -31.25 -25.20 34.51
C GLU D 232 -31.61 -24.39 33.22
N SER D 233 -32.90 -24.25 32.91
CA SER D 233 -33.34 -23.39 31.81
C SER D 233 -33.02 -21.90 31.95
N GLU D 234 -33.05 -21.41 33.19
CA GLU D 234 -32.73 -20.01 33.49
C GLU D 234 -31.25 -19.80 33.18
N GLN D 235 -30.42 -20.80 33.49
CA GLN D 235 -28.98 -20.68 33.24
C GLN D 235 -28.72 -20.69 31.76
N GLN D 236 -29.35 -21.60 31.01
CA GLN D 236 -29.26 -21.67 29.56
C GLN D 236 -29.74 -20.37 28.92
N LEU D 237 -30.87 -19.87 29.37
CA LEU D 237 -31.37 -18.56 28.88
C LEU D 237 -30.41 -17.39 29.15
N ALA D 238 -29.89 -17.32 30.36
CA ALA D 238 -28.98 -16.28 30.76
C ALA D 238 -27.73 -16.33 29.88
N ALA D 239 -27.18 -17.53 29.65
CA ALA D 239 -25.99 -17.60 28.84
C ALA D 239 -26.28 -17.16 27.38
N LEU D 240 -27.39 -17.62 26.85
CA LEU D 240 -27.81 -17.27 25.48
C LEU D 240 -28.03 -15.78 25.36
N ALA D 241 -28.76 -15.20 26.33
CA ALA D 241 -28.95 -13.77 26.33
C ALA D 241 -27.67 -12.93 26.32
N LEU D 242 -26.73 -13.29 27.19
CA LEU D 242 -25.41 -12.63 27.23
C LEU D 242 -24.71 -12.74 25.91
N GLN D 243 -24.72 -13.90 25.30
CA GLN D 243 -24.09 -14.11 24.01
C GLN D 243 -24.73 -13.27 22.93
N ALA D 244 -26.06 -13.16 22.98
CA ALA D 244 -26.79 -12.37 22.00
C ALA D 244 -26.43 -10.92 22.13
N TYR D 245 -26.36 -10.41 23.37
CA TYR D 245 -26.09 -9.01 23.69
C TYR D 245 -24.63 -8.67 23.24
N HIS D 246 -23.69 -9.52 23.63
CA HIS D 246 -22.29 -9.34 23.22
C HIS D 246 -22.13 -9.47 21.70
N ALA D 247 -22.90 -10.33 21.04
CA ALA D 247 -22.83 -10.47 19.61
C ALA D 247 -23.03 -9.14 18.89
N LEU D 248 -23.89 -8.27 19.42
CA LEU D 248 -24.22 -7.00 18.76
C LEU D 248 -23.38 -5.83 19.28
N ASP D 249 -22.43 -6.10 20.16
CA ASP D 249 -21.49 -5.16 20.72
C ASP D 249 -22.15 -4.26 21.74
N CYS D 250 -23.22 -4.75 22.38
CA CYS D 250 -23.87 -3.93 23.40
C CYS D 250 -23.06 -3.82 24.67
N SER D 251 -23.33 -2.77 25.44
CA SER D 251 -22.62 -2.56 26.67
C SER D 251 -23.46 -1.70 27.59
N GLY D 252 -23.05 -1.71 28.88
CA GLY D 252 -23.71 -0.92 29.88
C GLY D 252 -24.91 -1.64 30.46
N TRP D 253 -26.00 -1.64 29.72
CA TRP D 253 -27.18 -2.35 30.10
C TRP D 253 -28.08 -2.53 28.91
N GLY D 254 -29.08 -3.38 29.05
CA GLY D 254 -30.05 -3.50 28.00
C GLY D 254 -30.98 -4.71 28.35
N ARG D 255 -31.86 -4.99 27.41
CA ARG D 255 -32.86 -6.01 27.58
C ARG D 255 -32.89 -6.89 26.34
N VAL D 256 -32.85 -8.21 26.51
CA VAL D 256 -32.88 -9.19 25.40
C VAL D 256 -34.22 -9.89 25.42
N ASP D 257 -34.86 -9.93 24.26
CA ASP D 257 -36.24 -10.45 24.11
C ASP D 257 -36.07 -11.75 23.41
N VAL D 258 -36.72 -12.84 23.95
CA VAL D 258 -36.52 -14.18 23.44
C VAL D 258 -37.92 -14.91 23.50
N MET D 259 -38.11 -15.85 22.63
CA MET D 259 -39.30 -16.73 22.67
C MET D 259 -38.95 -18.18 22.57
N GLN D 260 -39.74 -19.05 23.25
CA GLN D 260 -39.62 -20.44 22.95
C GLN D 260 -40.48 -20.86 21.78
N ASP D 261 -40.14 -22.00 21.21
CA ASP D 261 -40.90 -22.65 20.20
C ASP D 261 -41.58 -23.91 20.79
N ARG D 262 -42.22 -24.65 19.90
CA ARG D 262 -43.09 -25.74 20.25
C ARG D 262 -42.26 -26.83 20.96
N ASP D 263 -40.94 -26.93 20.71
CA ASP D 263 -40.03 -27.92 21.36
C ASP D 263 -39.27 -27.41 22.59
N GLY D 264 -39.60 -26.21 23.02
CA GLY D 264 -39.03 -25.65 24.19
C GLY D 264 -37.64 -25.01 23.95
N HIS D 265 -37.19 -24.91 22.69
CA HIS D 265 -35.91 -24.20 22.40
C HIS D 265 -36.14 -22.72 22.45
N PHE D 266 -35.09 -21.96 22.84
CA PHE D 266 -35.18 -20.51 22.85
C PHE D 266 -34.69 -19.92 21.53
N TYR D 267 -35.35 -18.83 21.12
CA TYR D 267 -35.07 -18.14 19.85
C TYR D 267 -34.96 -16.71 20.18
N LEU D 268 -33.92 -16.08 19.59
CA LEU D 268 -33.69 -14.68 19.85
C LEU D 268 -34.49 -13.72 18.96
N LEU D 269 -35.07 -12.73 19.59
CA LEU D 269 -35.90 -11.75 18.88
C LEU D 269 -35.15 -10.40 18.66
N GLU D 270 -34.75 -9.74 19.73
CA GLU D 270 -34.14 -8.42 19.65
C GLU D 270 -33.49 -8.03 20.93
N VAL D 271 -32.71 -6.96 20.86
CA VAL D 271 -32.08 -6.37 22.00
C VAL D 271 -32.50 -4.92 22.01
N ASN D 272 -32.96 -4.46 23.17
CA ASN D 272 -33.37 -3.08 23.37
C ASN D 272 -32.29 -2.37 24.13
N THR D 273 -31.70 -1.32 23.56
CA THR D 273 -30.56 -0.60 24.15
C THR D 273 -30.88 0.64 24.94
N SER D 274 -32.15 1.04 25.03
CA SER D 274 -32.55 2.02 26.07
C SER D 274 -33.88 1.69 26.76
N PRO D 275 -33.88 0.70 27.66
CA PRO D 275 -35.16 0.20 28.16
C PRO D 275 -36.01 1.17 28.99
N GLY D 276 -37.32 0.90 28.98
CA GLY D 276 -38.18 1.73 29.85
C GLY D 276 -37.82 1.54 31.30
N MET D 277 -38.05 2.61 32.09
CA MET D 277 -37.73 2.64 33.51
C MET D 277 -38.92 3.24 34.32
N THR D 278 -40.13 3.06 33.80
CA THR D 278 -41.39 3.45 34.52
C THR D 278 -41.71 2.42 35.65
N SER D 279 -42.79 2.68 36.42
CA SER D 279 -43.15 1.78 37.51
C SER D 279 -43.67 0.48 36.99
N HIS D 280 -44.10 0.44 35.74
CA HIS D 280 -44.62 -0.78 35.17
C HIS D 280 -43.64 -1.45 34.19
N SER D 281 -42.40 -0.93 34.14
CA SER D 281 -41.44 -1.44 33.13
C SER D 281 -40.71 -2.67 33.60
N LEU D 282 -40.16 -3.38 32.62
CA LEU D 282 -39.60 -4.70 32.77
C LEU D 282 -38.25 -4.65 33.48
N VAL D 283 -37.35 -3.71 33.12
CA VAL D 283 -36.06 -3.77 33.77
C VAL D 283 -36.22 -3.49 35.31
N PRO D 284 -36.99 -2.48 35.70
CA PRO D 284 -37.17 -2.31 37.16
C PRO D 284 -37.75 -3.54 37.87
N MET D 285 -38.61 -4.31 37.21
CA MET D 285 -39.16 -5.52 37.81
C MET D 285 -38.12 -6.61 37.97
N ALA D 286 -37.28 -6.78 36.95
CA ALA D 286 -36.20 -7.74 37.07
C ALA D 286 -35.22 -7.34 38.19
N ALA D 287 -34.92 -6.04 38.29
CA ALA D 287 -33.98 -5.52 39.25
C ALA D 287 -34.53 -5.77 40.70
N ARG D 288 -35.82 -5.53 40.91
CA ARG D 288 -36.52 -5.80 42.22
C ARG D 288 -36.38 -7.25 42.60
N GLN D 289 -36.67 -8.10 41.64
CA GLN D 289 -36.51 -9.55 41.78
C GLN D 289 -35.06 -9.96 42.20
N TYR D 290 -34.03 -9.33 41.64
CA TYR D 290 -32.67 -9.56 42.03
C TYR D 290 -32.29 -8.97 43.43
N GLY D 291 -33.09 -8.10 43.96
CA GLY D 291 -32.84 -7.58 45.31
C GLY D 291 -32.23 -6.23 45.23
N LEU D 292 -32.25 -5.59 44.05
CA LEU D 292 -31.90 -4.19 43.98
C LEU D 292 -33.06 -3.27 44.20
N SER D 293 -32.83 -2.18 44.90
CA SER D 293 -33.68 -1.04 44.85
C SER D 293 -33.58 -0.35 43.47
N PHE D 294 -34.56 0.50 43.15
CA PHE D 294 -34.50 1.18 41.85
C PHE D 294 -33.35 2.17 41.82
N SER D 295 -33.09 2.80 42.96
CA SER D 295 -31.96 3.68 43.11
C SER D 295 -30.62 2.93 42.87
N GLN D 296 -30.47 1.74 43.42
CA GLN D 296 -29.28 0.90 43.24
C GLN D 296 -29.12 0.58 41.74
N LEU D 297 -30.24 0.18 41.13
CA LEU D 297 -30.25 -0.15 39.74
C LEU D 297 -29.66 0.98 38.89
N VAL D 298 -30.19 2.16 39.02
CA VAL D 298 -29.73 3.33 38.19
C VAL D 298 -28.33 3.78 38.52
N ALA D 299 -27.94 3.68 39.78
CA ALA D 299 -26.54 4.00 40.12
C ALA D 299 -25.58 2.99 39.51
N ARG D 300 -25.95 1.71 39.47
CA ARG D 300 -25.10 0.69 38.87
C ARG D 300 -24.98 0.88 37.36
N ILE D 301 -26.06 1.30 36.74
CA ILE D 301 -26.00 1.61 35.27
C ILE D 301 -25.09 2.79 35.02
N LEU D 302 -25.20 3.85 35.85
CA LEU D 302 -24.35 5.03 35.73
C LEU D 302 -22.85 4.73 35.96
N MET D 303 -22.57 3.82 36.89
CA MET D 303 -21.21 3.38 37.22
C MET D 303 -20.55 2.66 36.00
N LEU D 304 -21.33 2.02 35.15
CA LEU D 304 -20.84 1.43 33.93
C LEU D 304 -20.54 2.39 32.78
N ALA D 305 -20.88 3.66 32.95
CA ALA D 305 -20.51 4.77 32.05
C ALA D 305 -19.19 5.43 32.49
N ASP D 306 -18.21 5.42 31.62
CA ASP D 306 -16.94 6.03 31.97
C ASP D 306 -16.21 6.41 30.68
#